data_6XXG
#
_entry.id   6XXG
#
_cell.length_a   72.321
_cell.length_b   87.367
_cell.length_c   181.865
_cell.angle_alpha   90.000
_cell.angle_beta   90.000
_cell.angle_gamma   90.000
#
_symmetry.space_group_name_H-M   'P 21 21 21'
#
loop_
_entity.id
_entity.type
_entity.pdbx_description
1 polymer '1-deoxy-D-xylulose-5-phosphate synthase,1-deoxy-D-xylulose-5-phosphate synthase'
2 non-polymer 'MAGNESIUM ION'
3 non-polymer 'CALCIUM ION'
4 non-polymer 'THIAMINE DIPHOSPHATE'
5 water water
#
_entity_poly.entity_id   1
_entity_poly.type   'polypeptide(L)'
_entity_poly.pdbx_seq_one_letter_code
;AMGNELPGTSDTPLLDQIHGPKDLKRLSREQLPALTEELRGEIVRVCSRGGLHLASSLGAVDIITALHYVLDSPRDRILF
DVGHQAYAHKILTGRRDQMADIKKEGGISGFTKVSESEHDAITVGHASTSLANALGMALARDAQGKDFHVAAVIGDGSLT
GGMALAALNTIGDMGRKMLIVLNDNEMSISENVGAMNKFMRGGGGGGGSVNPFAAMGVRYVGPVDGHNVQELVWLLERLV
DLDGPTILHIVTTKGKGLSYAEADPIYWHGPAKFDPATGEYVPSSAYSWSAAFGEAVTEWAKTDPRTFVVTPAMREGSGL
VEFSRVHPHRYLDVGIAEEVAVTTAAGMALQGMRPVVAIYSTFLQRAYDQVLHDVAIEHLNVTFCIDRAGIVGADGATHN
GVFDLSFLRSIPGVRIGLPKDAAELRGMLKYAQTHDGPFAIRYPRGNTAQVPAGTWPDLKWGEWERLKGGDDVVILAGGK
ALDYALKAAEDLPGVGVVNARFVKPLDEEMLREVGGRARALITVEDNTVVGGFGGAVLEALNSMNLHPTVRVLGIPDEFQ
EHATAESVHARAGIDAPAIRTVLAELGVDVPIEV
;
_entity_poly.pdbx_strand_id   AAA,BBB
#
loop_
_chem_comp.id
_chem_comp.type
_chem_comp.name
_chem_comp.formula
CA non-polymer 'CALCIUM ION' 'Ca 2'
MG non-polymer 'MAGNESIUM ION' 'Mg 2'
TPP non-polymer 'THIAMINE DIPHOSPHATE' 'C12 H19 N4 O7 P2 S 1'
#
# COMPACT_ATOMS: atom_id res chain seq x y z
N SER A 10 -14.01 -38.45 -31.23
CA SER A 10 -13.53 -37.39 -30.28
C SER A 10 -14.65 -37.05 -29.28
N ASP A 11 -14.28 -36.83 -28.02
CA ASP A 11 -15.19 -36.39 -26.93
C ASP A 11 -15.49 -34.89 -27.07
N THR A 12 -14.71 -34.15 -27.87
CA THR A 12 -14.76 -32.67 -27.99
C THR A 12 -14.81 -32.24 -29.46
N PRO A 13 -15.84 -32.68 -30.23
CA PRO A 13 -15.92 -32.33 -31.66
C PRO A 13 -16.05 -30.83 -31.96
N LEU A 14 -16.74 -30.07 -31.10
CA LEU A 14 -16.96 -28.62 -31.31
C LEU A 14 -15.65 -27.87 -30.99
N LEU A 15 -15.07 -28.14 -29.81
CA LEU A 15 -13.77 -27.59 -29.34
C LEU A 15 -12.64 -27.89 -30.32
N ASP A 16 -12.68 -29.04 -31.00
CA ASP A 16 -11.61 -29.49 -31.93
C ASP A 16 -11.49 -28.52 -33.10
N GLN A 17 -12.57 -27.83 -33.48
CA GLN A 17 -12.58 -26.87 -34.63
C GLN A 17 -12.33 -25.44 -34.15
N ILE A 18 -12.17 -25.19 -32.85
CA ILE A 18 -12.15 -23.82 -32.27
C ILE A 18 -10.71 -23.50 -31.83
N HIS A 19 -10.05 -22.59 -32.56
CA HIS A 19 -8.66 -22.15 -32.28
C HIS A 19 -8.66 -20.69 -31.82
N GLY A 20 -9.83 -20.05 -31.81
CA GLY A 20 -10.00 -18.63 -31.45
C GLY A 20 -11.48 -18.21 -31.45
N PRO A 21 -11.81 -17.03 -30.88
CA PRO A 21 -13.20 -16.57 -30.82
C PRO A 21 -13.91 -16.51 -32.19
N LYS A 22 -13.20 -16.25 -33.29
CA LYS A 22 -13.77 -16.30 -34.65
C LYS A 22 -14.44 -17.66 -34.88
N ASP A 23 -13.75 -18.75 -34.57
CA ASP A 23 -14.28 -20.13 -34.78
C ASP A 23 -15.53 -20.33 -33.92
N LEU A 24 -15.55 -19.75 -32.72
CA LEU A 24 -16.67 -19.87 -31.76
C LEU A 24 -17.93 -19.28 -32.40
N LYS A 25 -17.82 -18.18 -33.14
CA LYS A 25 -18.97 -17.43 -33.71
C LYS A 25 -19.60 -18.16 -34.90
N ARG A 26 -18.99 -19.23 -35.43
CA ARG A 26 -19.59 -20.07 -36.50
C ARG A 26 -20.70 -20.95 -35.90
N LEU A 27 -20.67 -21.21 -34.59
CA LEU A 27 -21.68 -22.07 -33.92
C LEU A 27 -23.03 -21.33 -33.86
N SER A 28 -24.12 -22.07 -34.03
CA SER A 28 -25.49 -21.59 -33.69
C SER A 28 -25.58 -21.53 -32.17
N ARG A 29 -26.36 -20.60 -31.63
CA ARG A 29 -26.58 -20.48 -30.17
C ARG A 29 -26.99 -21.81 -29.57
N GLU A 30 -27.74 -22.63 -30.33
CA GLU A 30 -28.32 -23.91 -29.85
C GLU A 30 -27.18 -24.91 -29.61
N GLN A 31 -26.03 -24.73 -30.25
CA GLN A 31 -24.81 -25.58 -30.05
C GLN A 31 -23.99 -25.12 -28.84
N LEU A 32 -24.24 -23.95 -28.25
CA LEU A 32 -23.36 -23.39 -27.18
C LEU A 32 -23.45 -24.26 -25.92
N PRO A 33 -24.64 -24.73 -25.48
CA PRO A 33 -24.72 -25.61 -24.32
C PRO A 33 -23.81 -26.85 -24.42
N ALA A 34 -23.81 -27.54 -25.56
CA ALA A 34 -22.91 -28.69 -25.82
C ALA A 34 -21.45 -28.23 -25.68
N LEU A 35 -21.13 -27.02 -26.14
CA LEU A 35 -19.74 -26.48 -26.09
C LEU A 35 -19.33 -26.26 -24.64
N THR A 36 -20.22 -25.75 -23.78
CA THR A 36 -19.89 -25.48 -22.36
C THR A 36 -19.62 -26.80 -21.65
N GLU A 37 -20.38 -27.86 -21.96
CA GLU A 37 -20.14 -29.23 -21.42
C GLU A 37 -18.77 -29.75 -21.90
N GLU A 38 -18.39 -29.52 -23.16
CA GLU A 38 -17.02 -29.88 -23.65
C GLU A 38 -15.96 -29.13 -22.82
N LEU A 39 -16.14 -27.81 -22.63
CA LEU A 39 -15.17 -26.95 -21.91
C LEU A 39 -15.00 -27.42 -20.46
N ARG A 40 -16.09 -27.82 -19.80
CA ARG A 40 -16.06 -28.32 -18.39
C ARG A 40 -15.25 -29.61 -18.33
N GLY A 41 -15.48 -30.53 -19.27
CA GLY A 41 -14.77 -31.82 -19.34
C GLY A 41 -13.32 -31.63 -19.70
N GLU A 42 -13.02 -30.60 -20.51
CA GLU A 42 -11.63 -30.26 -20.90
C GLU A 42 -10.85 -29.77 -19.68
N ILE A 43 -11.45 -28.91 -18.85
CA ILE A 43 -10.76 -28.28 -17.69
C ILE A 43 -10.46 -29.38 -16.65
N VAL A 44 -11.41 -30.28 -16.40
CA VAL A 44 -11.26 -31.46 -15.48
C VAL A 44 -10.20 -32.43 -16.03
N ARG A 45 -10.22 -32.70 -17.34
CA ARG A 45 -9.35 -33.72 -17.97
C ARG A 45 -7.88 -33.25 -17.90
N VAL A 46 -7.61 -31.95 -18.07
CA VAL A 46 -6.23 -31.46 -18.32
C VAL A 46 -5.67 -30.73 -17.08
N CYS A 47 -6.50 -30.23 -16.15
CA CYS A 47 -6.06 -29.40 -15.00
C CYS A 47 -6.41 -30.05 -13.65
N SER A 48 -6.46 -31.38 -13.55
CA SER A 48 -6.68 -32.12 -12.27
C SER A 48 -5.33 -32.56 -11.69
N ARG A 49 -4.44 -31.60 -11.41
CA ARG A 49 -3.08 -31.83 -10.83
C ARG A 49 -2.53 -30.48 -10.35
N GLY A 50 -1.25 -30.45 -9.94
CA GLY A 50 -0.50 -29.23 -9.55
C GLY A 50 -1.25 -28.42 -8.51
N GLY A 51 -2.02 -29.09 -7.64
CA GLY A 51 -2.88 -28.49 -6.61
C GLY A 51 -3.73 -27.34 -7.15
N LEU A 52 -4.16 -27.44 -8.41
CA LEU A 52 -5.02 -26.43 -9.08
C LEU A 52 -6.45 -26.57 -8.54
N HIS A 53 -7.04 -25.45 -8.11
CA HIS A 53 -8.47 -25.30 -7.75
C HIS A 53 -9.24 -24.94 -9.04
N LEU A 54 -10.20 -25.78 -9.42
CA LEU A 54 -10.95 -25.73 -10.70
C LEU A 54 -12.31 -25.08 -10.50
N ALA A 55 -12.78 -24.98 -9.25
CA ALA A 55 -14.15 -24.50 -8.91
C ALA A 55 -14.41 -23.18 -9.63
N SER A 56 -13.50 -22.21 -9.52
CA SER A 56 -13.64 -20.85 -10.08
C SER A 56 -13.73 -20.91 -11.61
N SER A 57 -12.84 -21.66 -12.26
CA SER A 57 -12.77 -21.73 -13.74
C SER A 57 -13.98 -22.51 -14.28
N LEU A 58 -14.40 -23.59 -13.62
CA LEU A 58 -15.63 -24.37 -13.98
C LEU A 58 -16.88 -23.49 -13.89
N GLY A 59 -16.99 -22.70 -12.83
CA GLY A 59 -18.15 -21.82 -12.58
C GLY A 59 -18.29 -20.74 -13.64
N ALA A 60 -17.19 -20.38 -14.30
CA ALA A 60 -17.11 -19.23 -15.23
C ALA A 60 -17.20 -19.69 -16.69
N VAL A 61 -17.32 -20.98 -16.96
CA VAL A 61 -17.34 -21.50 -18.35
C VAL A 61 -18.46 -20.82 -19.15
N ASP A 62 -19.65 -20.69 -18.58
CA ASP A 62 -20.85 -20.24 -19.34
C ASP A 62 -20.71 -18.75 -19.68
N ILE A 63 -20.40 -17.89 -18.71
CA ILE A 63 -20.25 -16.42 -18.96
C ILE A 63 -19.09 -16.19 -19.93
N ILE A 64 -17.98 -16.93 -19.81
CA ILE A 64 -16.80 -16.72 -20.69
C ILE A 64 -17.17 -17.14 -22.11
N THR A 65 -17.91 -18.23 -22.28
CA THR A 65 -18.37 -18.67 -23.61
C THR A 65 -19.27 -17.58 -24.19
N ALA A 66 -20.20 -17.04 -23.39
CA ALA A 66 -21.19 -16.03 -23.81
C ALA A 66 -20.48 -14.73 -24.22
N LEU A 67 -19.54 -14.24 -23.40
CA LEU A 67 -18.80 -12.97 -23.67
C LEU A 67 -18.01 -13.11 -24.97
N HIS A 68 -17.36 -14.25 -25.22
CA HIS A 68 -16.55 -14.45 -26.45
C HIS A 68 -17.46 -14.58 -27.67
N TYR A 69 -18.65 -15.17 -27.50
CA TYR A 69 -19.63 -15.33 -28.60
C TYR A 69 -20.17 -13.96 -29.04
N VAL A 70 -20.39 -13.05 -28.08
CA VAL A 70 -21.01 -11.71 -28.33
C VAL A 70 -19.94 -10.66 -28.64
N LEU A 71 -18.84 -10.59 -27.89
CA LEU A 71 -17.80 -9.53 -28.08
C LEU A 71 -16.76 -10.01 -29.10
N ASP A 72 -15.90 -9.09 -29.55
CA ASP A 72 -14.91 -9.29 -30.64
C ASP A 72 -13.48 -9.14 -30.09
N SER A 73 -13.04 -10.06 -29.23
CA SER A 73 -11.66 -10.09 -28.70
C SER A 73 -10.69 -10.43 -29.84
N PRO A 74 -9.54 -9.76 -30.00
CA PRO A 74 -9.01 -8.78 -29.04
C PRO A 74 -9.37 -7.30 -29.26
N ARG A 75 -10.20 -6.98 -30.26
CA ARG A 75 -10.64 -5.59 -30.52
C ARG A 75 -11.43 -5.15 -29.27
N ASP A 76 -12.38 -5.98 -28.86
CA ASP A 76 -13.09 -5.82 -27.57
C ASP A 76 -12.17 -6.36 -26.48
N ARG A 77 -12.13 -5.71 -25.32
CA ARG A 77 -11.19 -6.00 -24.21
C ARG A 77 -11.98 -6.69 -23.10
N ILE A 78 -11.65 -7.94 -22.79
CA ILE A 78 -12.26 -8.71 -21.67
C ILE A 78 -11.25 -8.82 -20.53
N LEU A 79 -11.58 -8.26 -19.37
CA LEU A 79 -10.70 -8.10 -18.17
C LEU A 79 -11.16 -9.08 -17.09
N PHE A 80 -10.31 -10.02 -16.70
CA PHE A 80 -10.60 -10.95 -15.58
C PHE A 80 -9.92 -10.44 -14.31
N ASP A 81 -10.74 -10.24 -13.29
CA ASP A 81 -10.28 -9.90 -11.92
C ASP A 81 -9.66 -11.17 -11.31
N VAL A 82 -8.41 -11.07 -10.88
CA VAL A 82 -7.57 -12.17 -10.33
C VAL A 82 -7.03 -13.03 -11.48
N GLY A 83 -7.91 -13.63 -12.30
CA GLY A 83 -7.54 -14.44 -13.48
C GLY A 83 -7.58 -15.93 -13.23
N HIS A 84 -7.78 -16.37 -11.98
CA HIS A 84 -7.86 -17.81 -11.60
C HIS A 84 -9.11 -18.47 -12.21
N GLN A 85 -10.11 -17.69 -12.68
CA GLN A 85 -11.39 -18.20 -13.24
C GLN A 85 -11.33 -18.31 -14.78
N ALA A 86 -10.19 -18.04 -15.39
CA ALA A 86 -10.08 -17.77 -16.85
C ALA A 86 -9.56 -18.98 -17.63
N TYR A 87 -9.60 -20.20 -17.10
CA TYR A 87 -9.08 -21.37 -17.86
C TYR A 87 -9.85 -21.51 -19.19
N ALA A 88 -11.18 -21.39 -19.20
CA ALA A 88 -12.03 -21.53 -20.41
C ALA A 88 -11.63 -20.46 -21.43
N HIS A 89 -11.33 -19.25 -20.95
CA HIS A 89 -10.81 -18.13 -21.78
C HIS A 89 -9.55 -18.58 -22.52
N LYS A 90 -8.59 -19.22 -21.84
CA LYS A 90 -7.30 -19.60 -22.48
C LYS A 90 -7.56 -20.70 -23.49
N ILE A 91 -8.45 -21.65 -23.17
CA ILE A 91 -8.84 -22.76 -24.08
C ILE A 91 -9.48 -22.18 -25.35
N LEU A 92 -10.28 -21.12 -25.24
CA LEU A 92 -11.02 -20.53 -26.39
C LEU A 92 -10.16 -19.51 -27.16
N THR A 93 -8.93 -19.22 -26.72
CA THR A 93 -8.07 -18.17 -27.34
C THR A 93 -6.70 -18.79 -27.71
N GLY A 94 -6.71 -20.05 -28.16
CA GLY A 94 -5.57 -20.68 -28.84
C GLY A 94 -4.56 -21.30 -27.89
N ARG A 95 -4.90 -21.52 -26.62
CA ARG A 95 -3.95 -22.03 -25.60
C ARG A 95 -4.42 -23.38 -25.01
N ARG A 96 -5.27 -24.11 -25.72
CA ARG A 96 -5.79 -25.43 -25.29
C ARG A 96 -4.65 -26.43 -25.03
N ASP A 97 -3.65 -26.48 -25.93
CA ASP A 97 -2.55 -27.49 -25.91
C ASP A 97 -1.44 -27.05 -24.94
N GLN A 98 -1.56 -25.88 -24.30
CA GLN A 98 -0.58 -25.37 -23.31
C GLN A 98 -1.13 -25.52 -21.89
N MET A 99 -2.41 -25.91 -21.73
CA MET A 99 -3.07 -25.94 -20.39
C MET A 99 -2.44 -27.04 -19.51
N ALA A 100 -1.84 -28.08 -20.10
CA ALA A 100 -1.11 -29.15 -19.36
C ALA A 100 0.11 -28.58 -18.61
N ASP A 101 0.66 -27.44 -19.07
CA ASP A 101 1.91 -26.82 -18.55
C ASP A 101 1.61 -25.54 -17.73
N ILE A 102 0.36 -25.32 -17.32
CA ILE A 102 -0.06 -24.10 -16.58
C ILE A 102 0.67 -24.02 -15.23
N LYS A 103 1.33 -22.89 -14.95
CA LYS A 103 2.10 -22.60 -13.71
C LYS A 103 3.46 -23.34 -13.71
N LYS A 104 3.76 -24.12 -14.74
CA LYS A 104 5.08 -24.79 -14.89
C LYS A 104 6.04 -23.80 -15.54
N GLU A 105 7.31 -23.84 -15.12
CA GLU A 105 8.41 -23.04 -15.68
C GLU A 105 8.38 -23.16 -17.21
N GLY A 106 8.32 -22.02 -17.91
CA GLY A 106 8.34 -21.94 -19.39
C GLY A 106 6.99 -22.26 -20.01
N GLY A 107 5.98 -22.62 -19.20
CA GLY A 107 4.59 -22.78 -19.63
C GLY A 107 3.80 -21.50 -19.42
N ILE A 108 2.49 -21.52 -19.64
CA ILE A 108 1.61 -20.33 -19.49
C ILE A 108 1.36 -20.08 -17.99
N SER A 109 1.01 -18.84 -17.64
CA SER A 109 0.67 -18.40 -16.27
C SER A 109 -0.66 -19.01 -15.81
N GLY A 110 -0.87 -19.10 -14.50
CA GLY A 110 -2.14 -19.50 -13.88
C GLY A 110 -3.18 -18.39 -13.92
N PHE A 111 -2.77 -17.19 -14.31
CA PHE A 111 -3.61 -15.95 -14.37
C PHE A 111 -3.48 -15.38 -15.78
N THR A 112 -4.28 -14.39 -16.14
CA THR A 112 -4.14 -13.72 -17.46
C THR A 112 -2.88 -12.87 -17.41
N LYS A 113 -2.16 -12.81 -18.52
CA LYS A 113 -0.87 -12.08 -18.63
C LYS A 113 -0.79 -11.42 -20.01
N VAL A 114 -0.71 -10.10 -20.03
CA VAL A 114 -0.66 -9.24 -21.26
C VAL A 114 0.38 -9.79 -22.26
N SER A 115 1.58 -10.18 -21.81
CA SER A 115 2.68 -10.69 -22.68
C SER A 115 2.36 -12.07 -23.28
N GLU A 116 1.47 -12.85 -22.67
CA GLU A 116 1.16 -14.25 -23.07
C GLU A 116 0.26 -14.24 -24.32
N SER A 117 -0.64 -13.27 -24.46
CA SER A 117 -1.70 -13.27 -25.51
C SER A 117 -2.36 -11.89 -25.63
N GLU A 118 -2.62 -11.48 -26.87
CA GLU A 118 -3.43 -10.28 -27.24
C GLU A 118 -4.81 -10.35 -26.55
N HIS A 119 -5.29 -11.54 -26.22
CA HIS A 119 -6.64 -11.78 -25.63
C HIS A 119 -6.62 -11.55 -24.11
N ASP A 120 -5.44 -11.48 -23.49
CA ASP A 120 -5.29 -11.19 -22.05
C ASP A 120 -5.15 -9.66 -21.89
N ALA A 121 -6.20 -8.97 -21.46
CA ALA A 121 -6.25 -7.49 -21.44
C ALA A 121 -5.40 -6.96 -20.28
N ILE A 122 -5.39 -7.65 -19.13
CA ILE A 122 -4.59 -7.20 -17.95
C ILE A 122 -3.83 -8.38 -17.38
N THR A 123 -2.68 -8.07 -16.78
CA THR A 123 -1.90 -9.00 -15.93
C THR A 123 -2.45 -8.89 -14.51
N VAL A 124 -2.88 -10.01 -13.95
CA VAL A 124 -3.62 -10.03 -12.65
C VAL A 124 -3.15 -11.20 -11.81
N GLY A 125 -3.55 -11.19 -10.55
CA GLY A 125 -3.09 -12.11 -9.49
C GLY A 125 -3.62 -11.59 -8.17
N HIS A 126 -3.21 -10.37 -7.80
CA HIS A 126 -3.92 -9.55 -6.80
C HIS A 126 -5.33 -9.26 -7.33
N ALA A 127 -6.31 -9.28 -6.42
CA ALA A 127 -7.75 -9.09 -6.68
C ALA A 127 -8.10 -7.59 -6.74
N SER A 128 -9.22 -7.29 -7.40
CA SER A 128 -9.99 -6.02 -7.32
C SER A 128 -9.41 -4.95 -8.26
N THR A 129 -8.52 -5.32 -9.19
CA THR A 129 -7.81 -4.36 -10.08
C THR A 129 -8.55 -4.18 -11.41
N SER A 130 -9.50 -5.05 -11.74
CA SER A 130 -10.15 -5.07 -13.07
C SER A 130 -10.90 -3.75 -13.31
N LEU A 131 -11.63 -3.22 -12.33
CA LEU A 131 -12.56 -2.09 -12.58
C LEU A 131 -11.79 -0.82 -12.94
N ALA A 132 -10.77 -0.46 -12.16
CA ALA A 132 -9.90 0.71 -12.41
C ALA A 132 -9.14 0.55 -13.73
N ASN A 133 -8.66 -0.67 -14.04
CA ASN A 133 -8.01 -0.94 -15.35
C ASN A 133 -9.03 -0.73 -16.48
N ALA A 134 -10.24 -1.26 -16.30
CA ALA A 134 -11.35 -1.12 -17.27
C ALA A 134 -11.67 0.37 -17.48
N LEU A 135 -11.79 1.15 -16.41
CA LEU A 135 -12.00 2.63 -16.49
C LEU A 135 -10.92 3.25 -17.37
N GLY A 136 -9.65 2.93 -17.11
CA GLY A 136 -8.51 3.47 -17.87
C GLY A 136 -8.65 3.18 -19.35
N MET A 137 -8.99 1.94 -19.71
CA MET A 137 -9.15 1.49 -21.11
C MET A 137 -10.33 2.22 -21.77
N ALA A 138 -11.43 2.37 -21.04
CA ALA A 138 -12.65 3.08 -21.51
C ALA A 138 -12.28 4.54 -21.79
N LEU A 139 -11.54 5.19 -20.89
CA LEU A 139 -11.17 6.63 -21.01
C LEU A 139 -10.20 6.82 -22.19
N ALA A 140 -9.25 5.90 -22.39
CA ALA A 140 -8.32 5.92 -23.53
C ALA A 140 -9.09 5.69 -24.85
N ARG A 141 -10.04 4.73 -24.86
CA ARG A 141 -10.91 4.42 -26.02
C ARG A 141 -11.63 5.70 -26.47
N ASP A 142 -12.29 6.40 -25.52
CA ASP A 142 -13.12 7.61 -25.77
C ASP A 142 -12.22 8.77 -26.25
N ALA A 143 -11.02 8.92 -25.70
CA ALA A 143 -10.02 9.94 -26.09
C ALA A 143 -9.60 9.71 -27.55
N GLN A 144 -9.54 8.45 -28.01
CA GLN A 144 -9.06 8.05 -29.36
C GLN A 144 -10.21 7.99 -30.36
N GLY A 145 -11.44 8.23 -29.91
CA GLY A 145 -12.65 8.25 -30.75
C GLY A 145 -13.11 6.86 -31.18
N LYS A 146 -12.73 5.81 -30.44
CA LYS A 146 -13.07 4.39 -30.77
C LYS A 146 -14.33 3.97 -30.00
N ASP A 147 -14.84 2.77 -30.28
CA ASP A 147 -16.13 2.30 -29.74
C ASP A 147 -16.12 0.80 -29.44
N PHE A 148 -14.95 0.18 -29.28
CA PHE A 148 -14.84 -1.24 -28.85
C PHE A 148 -15.47 -1.38 -27.46
N HIS A 149 -15.86 -2.61 -27.10
CA HIS A 149 -16.49 -2.92 -25.79
C HIS A 149 -15.39 -3.19 -24.76
N VAL A 150 -15.56 -2.67 -23.55
CA VAL A 150 -14.73 -3.01 -22.36
C VAL A 150 -15.63 -3.78 -21.40
N ALA A 151 -15.27 -5.02 -21.10
CA ALA A 151 -15.99 -5.86 -20.11
C ALA A 151 -14.99 -6.32 -19.05
N ALA A 152 -15.37 -6.17 -17.78
CA ALA A 152 -14.62 -6.69 -16.62
C ALA A 152 -15.46 -7.80 -15.99
N VAL A 153 -14.84 -8.96 -15.71
CA VAL A 153 -15.47 -10.08 -14.97
C VAL A 153 -14.88 -10.10 -13.57
N ILE A 154 -15.69 -9.89 -12.53
CA ILE A 154 -15.20 -9.73 -11.14
C ILE A 154 -16.04 -10.61 -10.20
N GLY A 155 -15.39 -11.39 -9.36
CA GLY A 155 -16.06 -12.22 -8.33
C GLY A 155 -16.66 -11.35 -7.26
N ASP A 156 -17.64 -11.88 -6.53
CA ASP A 156 -18.37 -11.18 -5.43
C ASP A 156 -17.36 -10.78 -4.35
N GLY A 157 -16.38 -11.64 -4.06
CA GLY A 157 -15.31 -11.38 -3.07
C GLY A 157 -14.43 -10.21 -3.47
N SER A 158 -13.96 -10.18 -4.71
CA SER A 158 -13.08 -9.12 -5.25
C SER A 158 -13.83 -7.78 -5.25
N LEU A 159 -15.13 -7.80 -5.51
CA LEU A 159 -15.94 -6.57 -5.65
C LEU A 159 -15.97 -5.80 -4.33
N THR A 160 -15.90 -6.50 -3.19
CA THR A 160 -15.93 -5.86 -1.84
C THR A 160 -14.53 -5.37 -1.44
N GLY A 161 -13.52 -5.53 -2.30
CA GLY A 161 -12.18 -4.91 -2.14
C GLY A 161 -12.25 -3.40 -2.24
N GLY A 162 -11.40 -2.69 -1.49
CA GLY A 162 -11.40 -1.22 -1.44
C GLY A 162 -11.26 -0.61 -2.82
N MET A 163 -10.31 -1.08 -3.63
CA MET A 163 -10.03 -0.43 -4.93
C MET A 163 -11.14 -0.74 -5.94
N ALA A 164 -11.89 -1.85 -5.79
CA ALA A 164 -13.08 -2.17 -6.62
C ALA A 164 -14.26 -1.25 -6.25
N LEU A 165 -14.59 -1.13 -4.97
CA LEU A 165 -15.72 -0.29 -4.48
C LEU A 165 -15.43 1.17 -4.81
N ALA A 166 -14.19 1.64 -4.64
CA ALA A 166 -13.79 3.02 -4.97
C ALA A 166 -13.87 3.25 -6.49
N ALA A 167 -13.40 2.28 -7.30
CA ALA A 167 -13.40 2.34 -8.78
C ALA A 167 -14.84 2.47 -9.29
N LEU A 168 -15.76 1.68 -8.74
CA LEU A 168 -17.19 1.66 -9.15
C LEU A 168 -17.81 3.04 -8.91
N ASN A 169 -17.44 3.71 -7.81
CA ASN A 169 -17.87 5.10 -7.52
C ASN A 169 -17.42 6.01 -8.67
N THR A 170 -16.12 6.01 -9.00
CA THR A 170 -15.53 6.79 -10.11
C THR A 170 -16.19 6.40 -11.44
N ILE A 171 -16.36 5.10 -11.70
CA ILE A 171 -17.01 4.59 -12.95
C ILE A 171 -18.42 5.20 -13.05
N GLY A 172 -19.19 5.22 -11.96
CA GLY A 172 -20.55 5.81 -11.92
C GLY A 172 -20.54 7.30 -12.27
N ASP A 173 -19.55 8.05 -11.76
CA ASP A 173 -19.42 9.52 -11.96
C ASP A 173 -19.03 9.80 -13.42
N MET A 174 -18.11 9.04 -13.99
CA MET A 174 -17.59 9.28 -15.37
C MET A 174 -18.65 8.91 -16.42
N GLY A 175 -19.55 7.97 -16.11
CA GLY A 175 -20.67 7.57 -17.00
C GLY A 175 -20.18 7.05 -18.35
N ARG A 176 -19.00 6.48 -18.42
CA ARG A 176 -18.43 5.97 -19.69
C ARG A 176 -18.97 4.57 -19.94
N LYS A 177 -19.11 4.22 -21.21
CA LYS A 177 -19.63 2.92 -21.70
C LYS A 177 -18.69 1.79 -21.28
N MET A 178 -19.22 0.79 -20.56
CA MET A 178 -18.50 -0.43 -20.12
C MET A 178 -19.46 -1.39 -19.43
N LEU A 179 -19.08 -2.67 -19.39
CA LEU A 179 -19.84 -3.76 -18.78
C LEU A 179 -19.01 -4.41 -17.68
N ILE A 180 -19.51 -4.39 -16.43
CA ILE A 180 -18.98 -5.16 -15.29
C ILE A 180 -19.87 -6.39 -15.10
N VAL A 181 -19.31 -7.59 -15.27
CA VAL A 181 -19.99 -8.87 -14.93
C VAL A 181 -19.58 -9.26 -13.51
N LEU A 182 -20.51 -9.14 -12.56
CA LEU A 182 -20.36 -9.59 -11.16
C LEU A 182 -20.71 -11.09 -11.12
N ASN A 183 -19.71 -11.95 -10.94
CA ASN A 183 -19.86 -13.43 -10.84
C ASN A 183 -19.99 -13.80 -9.36
N ASP A 184 -21.22 -14.00 -8.89
CA ASP A 184 -21.59 -14.24 -7.49
C ASP A 184 -21.84 -15.74 -7.30
N ASN A 185 -20.94 -16.42 -6.56
CA ASN A 185 -21.07 -17.86 -6.20
C ASN A 185 -21.26 -18.03 -4.68
N GLU A 186 -21.51 -16.94 -3.95
CA GLU A 186 -21.70 -16.93 -2.48
C GLU A 186 -23.20 -16.92 -2.14
N MET A 187 -24.03 -16.34 -3.00
CA MET A 187 -25.50 -16.27 -2.78
C MET A 187 -26.27 -16.66 -4.05
N SER A 188 -27.43 -17.30 -3.85
CA SER A 188 -28.42 -17.63 -4.91
C SER A 188 -29.10 -16.35 -5.41
N ILE A 189 -29.94 -16.49 -6.44
CA ILE A 189 -30.80 -15.40 -6.99
C ILE A 189 -31.76 -14.94 -5.89
N SER A 190 -32.44 -15.86 -5.19
CA SER A 190 -33.46 -15.56 -4.15
C SER A 190 -32.81 -14.87 -2.95
N GLU A 191 -31.66 -15.38 -2.49
CA GLU A 191 -30.87 -14.78 -1.37
C GLU A 191 -30.49 -13.34 -1.72
N ASN A 192 -30.04 -13.12 -2.96
CA ASN A 192 -29.61 -11.78 -3.48
C ASN A 192 -30.80 -10.82 -3.53
N VAL A 193 -31.90 -11.22 -4.18
CA VAL A 193 -33.15 -10.41 -4.30
C VAL A 193 -33.63 -10.00 -2.89
N GLY A 194 -33.72 -10.96 -1.97
CA GLY A 194 -34.13 -10.76 -0.56
C GLY A 194 -33.27 -9.72 0.15
N ALA A 195 -31.94 -9.85 0.07
CA ALA A 195 -30.97 -8.89 0.64
C ALA A 195 -31.22 -7.49 0.05
N MET A 196 -31.46 -7.39 -1.27
CA MET A 196 -31.63 -6.11 -2.00
C MET A 196 -32.96 -5.45 -1.62
N ASN A 197 -34.02 -6.27 -1.49
CA ASN A 197 -35.38 -5.84 -1.03
C ASN A 197 -35.29 -5.23 0.37
N LYS A 198 -34.68 -5.97 1.30
CA LYS A 198 -34.36 -5.51 2.68
C LYS A 198 -33.71 -4.12 2.61
N PHE A 199 -32.66 -3.97 1.79
CA PHE A 199 -31.79 -2.76 1.73
C PHE A 199 -32.56 -1.53 1.22
N MET A 200 -33.18 -1.60 0.06
CA MET A 200 -33.80 -0.40 -0.59
C MET A 200 -35.15 -0.06 0.06
N ARG A 201 -35.73 -1.00 0.83
CA ARG A 201 -36.87 -0.71 1.74
C ARG A 201 -36.39 0.09 2.95
N GLY A 202 -35.13 -0.10 3.36
CA GLY A 202 -34.46 0.66 4.44
C GLY A 202 -34.61 2.17 4.29
N ASN A 211 -34.54 3.07 -7.98
CA ASN A 211 -33.37 2.15 -8.00
C ASN A 211 -32.26 2.74 -7.13
N PRO A 212 -31.62 1.94 -6.24
CA PRO A 212 -30.52 2.44 -5.41
C PRO A 212 -29.20 2.68 -6.19
N PHE A 213 -29.00 1.96 -7.29
CA PHE A 213 -27.78 2.04 -8.15
C PHE A 213 -27.83 3.25 -9.08
N ALA A 214 -29.02 3.84 -9.24
CA ALA A 214 -29.30 4.98 -10.16
C ALA A 214 -28.57 6.23 -9.68
N ALA A 215 -28.55 6.48 -8.36
CA ALA A 215 -27.87 7.64 -7.72
C ALA A 215 -26.35 7.53 -7.89
N MET A 216 -25.81 6.31 -7.88
CA MET A 216 -24.36 5.99 -8.08
C MET A 216 -23.99 6.15 -9.56
N GLY A 217 -24.97 6.06 -10.48
CA GLY A 217 -24.77 6.30 -11.93
C GLY A 217 -24.51 5.01 -12.70
N VAL A 218 -24.82 3.87 -12.08
CA VAL A 218 -24.56 2.51 -12.66
C VAL A 218 -25.90 1.81 -12.88
N ARG A 219 -26.11 1.27 -14.08
CA ARG A 219 -27.26 0.40 -14.41
C ARG A 219 -27.02 -0.97 -13.79
N TYR A 220 -27.90 -1.40 -12.90
CA TYR A 220 -27.86 -2.75 -12.27
C TYR A 220 -28.84 -3.67 -13.02
N VAL A 221 -28.31 -4.75 -13.59
CA VAL A 221 -29.12 -5.80 -14.28
C VAL A 221 -28.89 -7.12 -13.53
N GLY A 222 -29.98 -7.84 -13.27
CA GLY A 222 -29.97 -9.19 -12.69
C GLY A 222 -30.61 -9.16 -11.32
N PRO A 223 -30.31 -10.14 -10.43
CA PRO A 223 -29.39 -11.23 -10.76
C PRO A 223 -30.02 -12.23 -11.73
N VAL A 224 -29.19 -12.85 -12.58
CA VAL A 224 -29.63 -13.90 -13.55
C VAL A 224 -28.79 -15.15 -13.33
N ASP A 225 -29.19 -16.24 -13.98
CA ASP A 225 -28.56 -17.58 -13.90
C ASP A 225 -27.27 -17.55 -14.73
N GLY A 226 -26.11 -17.71 -14.08
CA GLY A 226 -24.78 -17.66 -14.73
C GLY A 226 -24.40 -18.95 -15.44
N HIS A 227 -25.27 -19.95 -15.47
CA HIS A 227 -25.00 -21.25 -16.16
C HIS A 227 -25.86 -21.44 -17.41
N ASN A 228 -26.78 -20.50 -17.72
CA ASN A 228 -27.65 -20.52 -18.93
C ASN A 228 -26.95 -19.73 -20.04
N VAL A 229 -26.10 -20.39 -20.82
CA VAL A 229 -25.21 -19.74 -21.82
C VAL A 229 -26.06 -19.05 -22.90
N GLN A 230 -27.20 -19.64 -23.29
CA GLN A 230 -28.10 -19.03 -24.32
C GLN A 230 -28.73 -17.75 -23.76
N GLU A 231 -29.29 -17.77 -22.56
CA GLU A 231 -29.95 -16.59 -21.93
C GLU A 231 -28.90 -15.49 -21.70
N LEU A 232 -27.70 -15.87 -21.26
CA LEU A 232 -26.56 -14.92 -21.08
C LEU A 232 -26.27 -14.25 -22.43
N VAL A 233 -26.26 -15.00 -23.54
CA VAL A 233 -25.98 -14.42 -24.88
C VAL A 233 -27.08 -13.40 -25.23
N TRP A 234 -28.36 -13.74 -25.07
CA TRP A 234 -29.50 -12.83 -25.40
C TRP A 234 -29.41 -11.57 -24.56
N LEU A 235 -29.10 -11.70 -23.26
CA LEU A 235 -29.08 -10.54 -22.34
C LEU A 235 -27.88 -9.65 -22.70
N LEU A 236 -26.70 -10.23 -22.93
CA LEU A 236 -25.47 -9.46 -23.27
C LEU A 236 -25.72 -8.63 -24.54
N GLU A 237 -26.36 -9.24 -25.54
CA GLU A 237 -26.65 -8.56 -26.83
C GLU A 237 -27.49 -7.29 -26.61
N ARG A 238 -28.31 -7.25 -25.55
CA ARG A 238 -29.09 -6.04 -25.17
C ARG A 238 -28.20 -5.06 -24.40
N LEU A 239 -27.26 -5.53 -23.57
CA LEU A 239 -26.46 -4.68 -22.65
C LEU A 239 -25.32 -3.98 -23.41
N VAL A 240 -24.69 -4.64 -24.39
CA VAL A 240 -23.42 -4.14 -24.99
C VAL A 240 -23.67 -2.83 -25.73
N ASP A 241 -24.89 -2.57 -26.20
CA ASP A 241 -25.30 -1.36 -26.95
C ASP A 241 -25.46 -0.15 -26.01
N LEU A 242 -25.91 -0.39 -24.76
CA LEU A 242 -26.44 0.65 -23.84
C LEU A 242 -25.34 1.63 -23.42
N ASP A 243 -25.70 2.90 -23.26
CA ASP A 243 -24.79 3.98 -22.79
C ASP A 243 -24.49 3.76 -21.30
N GLY A 244 -23.35 4.29 -20.86
CA GLY A 244 -23.00 4.37 -19.42
C GLY A 244 -22.56 3.01 -18.88
N PRO A 245 -22.10 2.98 -17.62
CA PRO A 245 -21.67 1.74 -16.99
C PRO A 245 -22.81 0.82 -16.56
N THR A 246 -22.66 -0.48 -16.81
CA THR A 246 -23.66 -1.54 -16.53
C THR A 246 -23.02 -2.65 -15.66
N ILE A 247 -23.66 -3.02 -14.54
CA ILE A 247 -23.33 -4.28 -13.80
C ILE A 247 -24.37 -5.32 -14.19
N LEU A 248 -23.91 -6.44 -14.75
CA LEU A 248 -24.68 -7.68 -14.92
C LEU A 248 -24.32 -8.60 -13.74
N HIS A 249 -25.22 -8.76 -12.79
CA HIS A 249 -25.06 -9.69 -11.66
C HIS A 249 -25.47 -11.09 -12.13
N ILE A 250 -24.51 -12.02 -12.24
CA ILE A 250 -24.82 -13.45 -12.56
C ILE A 250 -24.57 -14.28 -11.30
N VAL A 251 -25.25 -15.43 -11.22
CA VAL A 251 -25.17 -16.35 -10.05
C VAL A 251 -24.65 -17.69 -10.59
N THR A 252 -23.52 -18.16 -10.06
CA THR A 252 -22.87 -19.43 -10.47
C THR A 252 -22.80 -20.35 -9.24
N THR A 253 -22.51 -21.63 -9.46
CA THR A 253 -22.56 -22.70 -8.44
C THR A 253 -21.30 -22.65 -7.57
N TRP A 268 0.00 -41.95 6.76
CA TRP A 268 1.30 -42.67 6.65
C TRP A 268 2.03 -42.63 8.00
N HIS A 269 2.62 -43.76 8.40
CA HIS A 269 3.31 -43.95 9.70
C HIS A 269 4.83 -44.05 9.49
N GLY A 270 5.30 -44.03 8.24
CA GLY A 270 6.74 -44.11 7.90
C GLY A 270 7.47 -42.80 8.17
N PRO A 271 8.82 -42.76 8.02
CA PRO A 271 9.64 -41.63 8.45
C PRO A 271 9.74 -40.48 7.45
N ALA A 272 9.31 -40.71 6.20
CA ALA A 272 9.37 -39.75 5.07
C ALA A 272 8.00 -39.72 4.38
N LYS A 273 7.61 -38.55 3.85
CA LYS A 273 6.35 -38.33 3.11
C LYS A 273 6.64 -37.40 1.92
N PHE A 274 5.94 -37.61 0.81
CA PHE A 274 6.00 -36.73 -0.38
C PHE A 274 5.20 -35.46 -0.06
N ASP A 275 5.79 -34.29 -0.29
CA ASP A 275 5.10 -32.99 -0.06
C ASP A 275 4.68 -32.42 -1.42
N PRO A 276 3.37 -32.39 -1.74
CA PRO A 276 2.91 -31.84 -3.02
C PRO A 276 3.47 -30.44 -3.28
N ALA A 277 3.38 -29.55 -2.28
CA ALA A 277 3.83 -28.13 -2.29
C ALA A 277 5.25 -28.00 -2.87
N THR A 278 6.23 -28.73 -2.32
CA THR A 278 7.69 -28.57 -2.62
C THR A 278 8.12 -29.56 -3.71
N GLY A 279 7.30 -30.55 -4.04
CA GLY A 279 7.56 -31.55 -5.11
C GLY A 279 8.68 -32.52 -4.78
N GLU A 280 8.90 -32.84 -3.49
CA GLU A 280 9.84 -33.93 -3.07
C GLU A 280 9.61 -34.32 -1.60
N TYR A 281 10.39 -35.31 -1.13
CA TYR A 281 10.21 -36.00 0.16
C TYR A 281 10.71 -35.13 1.31
N VAL A 282 9.96 -35.13 2.42
CA VAL A 282 10.28 -34.41 3.68
C VAL A 282 10.09 -35.40 4.84
N PRO A 283 10.73 -35.16 6.02
CA PRO A 283 10.42 -35.95 7.22
C PRO A 283 8.93 -35.87 7.55
N SER A 284 8.33 -36.96 8.03
CA SER A 284 6.87 -37.05 8.31
C SER A 284 6.51 -36.12 9.48
N SER A 285 7.49 -35.79 10.32
CA SER A 285 7.40 -34.82 11.45
C SER A 285 7.36 -33.36 10.95
N ALA A 286 7.54 -33.12 9.65
CA ALA A 286 7.57 -31.77 9.04
C ALA A 286 6.15 -31.36 8.61
N TYR A 287 5.74 -30.14 8.99
N TYR A 287 5.69 -30.19 9.09
CA TYR A 287 4.46 -29.55 8.56
CA TYR A 287 4.41 -29.54 8.66
C TYR A 287 4.74 -28.14 8.06
C TYR A 287 4.72 -28.15 8.10
N SER A 288 3.74 -27.54 7.42
CA SER A 288 3.85 -26.19 6.84
C SER A 288 4.12 -25.19 7.96
N TRP A 289 4.86 -24.13 7.66
CA TRP A 289 4.99 -22.93 8.53
C TRP A 289 3.59 -22.44 8.96
N SER A 290 2.62 -22.45 8.04
CA SER A 290 1.20 -22.08 8.31
C SER A 290 0.68 -22.87 9.52
N ALA A 291 0.90 -24.18 9.51
CA ALA A 291 0.38 -25.09 10.55
C ALA A 291 1.14 -24.82 11.86
N ALA A 292 2.41 -24.47 11.77
CA ALA A 292 3.27 -24.17 12.94
C ALA A 292 2.78 -22.88 13.60
N PHE A 293 2.45 -21.87 12.80
CA PHE A 293 1.87 -20.60 13.27
C PHE A 293 0.49 -20.84 13.89
N GLY A 294 -0.39 -21.56 13.20
CA GLY A 294 -1.75 -21.84 13.71
C GLY A 294 -1.68 -22.51 15.08
N GLU A 295 -0.78 -23.47 15.23
CA GLU A 295 -0.61 -24.25 16.47
C GLU A 295 -0.09 -23.31 17.56
N ALA A 296 0.83 -22.41 17.22
CA ALA A 296 1.48 -21.49 18.19
C ALA A 296 0.46 -20.47 18.69
N VAL A 297 -0.23 -19.78 17.78
CA VAL A 297 -1.18 -18.69 18.11
C VAL A 297 -2.39 -19.28 18.85
N THR A 298 -2.83 -20.49 18.48
CA THR A 298 -3.96 -21.21 19.13
C THR A 298 -3.60 -21.49 20.59
N GLU A 299 -2.38 -21.98 20.83
CA GLU A 299 -1.86 -22.26 22.18
C GLU A 299 -1.68 -20.93 22.92
N TRP A 300 -1.06 -19.93 22.29
CA TRP A 300 -0.76 -18.63 22.93
C TRP A 300 -2.07 -18.03 23.48
N ALA A 301 -3.13 -18.01 22.68
CA ALA A 301 -4.40 -17.31 23.00
C ALA A 301 -5.06 -17.94 24.24
N LYS A 302 -4.73 -19.18 24.61
CA LYS A 302 -5.30 -19.87 25.80
C LYS A 302 -4.83 -19.19 27.09
N THR A 303 -3.64 -18.61 27.11
CA THR A 303 -3.09 -17.92 28.31
C THR A 303 -2.97 -16.42 28.09
N ASP A 304 -3.26 -15.88 26.90
CA ASP A 304 -3.32 -14.41 26.65
C ASP A 304 -4.72 -14.06 26.16
N PRO A 305 -5.59 -13.56 27.06
CA PRO A 305 -6.95 -13.16 26.66
C PRO A 305 -7.02 -11.90 25.76
N ARG A 306 -5.93 -11.15 25.62
CA ARG A 306 -5.87 -9.92 24.78
C ARG A 306 -5.54 -10.28 23.32
N THR A 307 -5.03 -11.48 23.04
CA THR A 307 -4.68 -11.88 21.65
C THR A 307 -5.96 -12.02 20.84
N PHE A 308 -5.95 -11.47 19.63
CA PHE A 308 -7.07 -11.43 18.67
C PHE A 308 -6.45 -11.65 17.28
N VAL A 309 -6.92 -12.61 16.49
CA VAL A 309 -6.33 -12.84 15.13
C VAL A 309 -7.25 -12.26 14.07
N VAL A 310 -6.66 -11.49 13.15
CA VAL A 310 -7.33 -10.82 12.00
C VAL A 310 -6.71 -11.35 10.71
N THR A 311 -7.55 -11.79 9.78
CA THR A 311 -7.12 -12.32 8.46
C THR A 311 -7.96 -11.64 7.39
N PRO A 312 -7.35 -11.20 6.27
CA PRO A 312 -8.11 -10.80 5.09
C PRO A 312 -8.45 -12.03 4.22
N ALA A 313 -9.43 -12.83 4.69
CA ALA A 313 -10.10 -13.93 3.97
C ALA A 313 -9.11 -15.00 3.50
N MET A 314 -8.10 -15.34 4.30
CA MET A 314 -7.14 -16.44 4.00
C MET A 314 -6.98 -17.31 5.24
N ARG A 315 -8.10 -17.78 5.79
CA ARG A 315 -8.20 -18.68 6.99
C ARG A 315 -7.36 -19.96 6.77
N GLU A 316 -7.57 -20.67 5.66
CA GLU A 316 -6.94 -21.99 5.37
C GLU A 316 -5.46 -21.77 5.01
N GLY A 317 -5.19 -20.84 4.09
CA GLY A 317 -3.82 -20.45 3.68
C GLY A 317 -2.91 -20.12 4.86
N SER A 318 -3.40 -19.36 5.83
CA SER A 318 -2.61 -18.88 7.00
C SER A 318 -2.66 -19.91 8.15
N GLY A 319 -3.44 -21.00 7.98
CA GLY A 319 -3.46 -22.13 8.94
C GLY A 319 -4.30 -21.86 10.19
N LEU A 320 -5.44 -21.16 10.04
CA LEU A 320 -6.24 -20.65 11.18
C LEU A 320 -7.58 -21.39 11.34
N VAL A 321 -7.76 -22.53 10.67
CA VAL A 321 -9.00 -23.35 10.80
C VAL A 321 -9.19 -23.70 12.28
N GLU A 322 -8.20 -24.35 12.90
CA GLU A 322 -8.25 -24.77 14.32
C GLU A 322 -8.42 -23.53 15.21
N PHE A 323 -7.60 -22.49 15.03
CA PHE A 323 -7.73 -21.23 15.80
C PHE A 323 -9.20 -20.75 15.78
N SER A 324 -9.84 -20.75 14.61
CA SER A 324 -11.19 -20.18 14.40
C SER A 324 -12.24 -21.00 15.16
N ARG A 325 -11.98 -22.29 15.33
CA ARG A 325 -12.89 -23.24 16.02
C ARG A 325 -12.68 -23.12 17.53
N VAL A 326 -11.43 -23.01 18.01
CA VAL A 326 -11.10 -23.03 19.47
C VAL A 326 -11.36 -21.65 20.09
N HIS A 327 -11.11 -20.57 19.33
CA HIS A 327 -11.21 -19.17 19.82
C HIS A 327 -12.14 -18.39 18.88
N PRO A 328 -13.42 -18.78 18.73
CA PRO A 328 -14.27 -18.17 17.69
C PRO A 328 -14.48 -16.67 17.88
N HIS A 329 -14.52 -16.19 19.13
CA HIS A 329 -14.75 -14.77 19.51
C HIS A 329 -13.42 -13.98 19.53
N ARG A 330 -12.30 -14.60 19.16
CA ARG A 330 -10.98 -13.91 19.03
C ARG A 330 -10.47 -14.02 17.59
N TYR A 331 -11.36 -14.32 16.65
CA TYR A 331 -11.05 -14.54 15.20
C TYR A 331 -11.90 -13.59 14.37
N LEU A 332 -11.28 -12.82 13.49
CA LEU A 332 -11.99 -11.86 12.60
C LEU A 332 -11.44 -11.98 11.18
N ASP A 333 -12.30 -12.42 10.27
CA ASP A 333 -12.12 -12.37 8.80
C ASP A 333 -12.79 -11.09 8.31
N VAL A 334 -12.05 -10.19 7.61
CA VAL A 334 -12.55 -8.86 7.13
C VAL A 334 -12.85 -8.93 5.63
N GLY A 335 -12.87 -10.13 5.05
CA GLY A 335 -12.94 -10.28 3.58
C GLY A 335 -11.60 -9.94 2.98
N ILE A 336 -11.56 -9.71 1.67
CA ILE A 336 -10.29 -9.54 0.88
C ILE A 336 -9.84 -8.07 0.96
N ALA A 337 -9.83 -7.49 2.16
CA ALA A 337 -9.49 -6.07 2.40
C ALA A 337 -8.32 -5.98 3.39
N GLU A 338 -7.09 -6.17 2.91
CA GLU A 338 -5.82 -6.08 3.68
C GLU A 338 -5.75 -4.76 4.46
N GLU A 339 -6.11 -3.65 3.81
CA GLU A 339 -6.07 -2.29 4.39
C GLU A 339 -7.02 -2.24 5.59
N VAL A 340 -8.17 -2.89 5.49
CA VAL A 340 -9.16 -2.99 6.60
C VAL A 340 -8.57 -3.86 7.73
N ALA A 341 -7.97 -5.00 7.41
CA ALA A 341 -7.40 -5.92 8.42
C ALA A 341 -6.37 -5.17 9.29
N VAL A 342 -5.50 -4.37 8.69
CA VAL A 342 -4.37 -3.72 9.41
C VAL A 342 -4.92 -2.59 10.29
N THR A 343 -5.82 -1.76 9.76
CA THR A 343 -6.39 -0.57 10.46
C THR A 343 -7.39 -1.04 11.52
N THR A 344 -8.11 -2.15 11.29
CA THR A 344 -8.97 -2.78 12.32
C THR A 344 -8.05 -3.19 13.48
N ALA A 345 -6.93 -3.85 13.19
CA ALA A 345 -5.98 -4.30 14.25
C ALA A 345 -5.47 -3.07 15.00
N ALA A 346 -5.18 -1.96 14.32
CA ALA A 346 -4.73 -0.70 14.97
C ALA A 346 -5.77 -0.24 15.98
N GLY A 347 -7.05 -0.25 15.63
CA GLY A 347 -8.15 0.13 16.53
C GLY A 347 -8.16 -0.73 17.78
N MET A 348 -8.02 -2.04 17.60
CA MET A 348 -7.98 -3.03 18.71
C MET A 348 -6.79 -2.74 19.63
N ALA A 349 -5.64 -2.43 19.05
CA ALA A 349 -4.39 -2.08 19.77
C ALA A 349 -4.60 -0.79 20.58
N LEU A 350 -5.27 0.21 20.00
CA LEU A 350 -5.56 1.51 20.68
C LEU A 350 -6.48 1.27 21.87
N GLN A 351 -7.31 0.22 21.82
CA GLN A 351 -8.27 -0.16 22.89
C GLN A 351 -7.63 -1.18 23.84
N GLY A 352 -6.31 -1.41 23.76
CA GLY A 352 -5.56 -2.20 24.76
C GLY A 352 -5.45 -3.68 24.41
N MET A 353 -5.95 -4.12 23.27
CA MET A 353 -5.83 -5.55 22.87
C MET A 353 -4.46 -5.81 22.23
N ARG A 354 -4.17 -7.06 21.90
CA ARG A 354 -2.88 -7.52 21.33
C ARG A 354 -3.17 -8.27 20.04
N PRO A 355 -3.61 -7.56 18.98
CA PRO A 355 -4.01 -8.19 17.73
C PRO A 355 -2.83 -8.74 16.94
N VAL A 356 -3.09 -9.85 16.26
CA VAL A 356 -2.20 -10.49 15.27
C VAL A 356 -2.88 -10.38 13.91
N VAL A 357 -2.17 -9.84 12.92
CA VAL A 357 -2.57 -9.84 11.48
C VAL A 357 -1.82 -10.99 10.80
N ALA A 358 -2.55 -12.02 10.40
CA ALA A 358 -2.07 -13.13 9.56
C ALA A 358 -2.29 -12.72 8.11
N ILE A 359 -1.21 -12.56 7.34
CA ILE A 359 -1.30 -11.99 5.97
C ILE A 359 -0.12 -12.51 5.15
N TYR A 360 -0.31 -12.80 3.86
CA TYR A 360 0.82 -13.14 2.95
C TYR A 360 1.64 -11.89 2.69
N SER A 361 2.95 -12.04 2.53
CA SER A 361 3.90 -10.96 2.18
C SER A 361 3.38 -10.15 0.98
N THR A 362 2.96 -10.81 -0.08
CA THR A 362 2.53 -10.17 -1.36
C THR A 362 1.29 -9.31 -1.10
N PHE A 363 0.34 -9.79 -0.30
CA PHE A 363 -0.94 -9.10 -0.01
C PHE A 363 -0.70 -7.99 1.02
N LEU A 364 0.32 -8.12 1.87
CA LEU A 364 0.72 -7.05 2.81
C LEU A 364 1.09 -5.77 2.05
N GLN A 365 1.56 -5.89 0.81
CA GLN A 365 1.89 -4.73 -0.08
C GLN A 365 0.67 -3.77 -0.19
N ARG A 366 -0.55 -4.31 -0.18
CA ARG A 366 -1.83 -3.53 -0.24
C ARG A 366 -2.00 -2.66 1.00
N ALA A 367 -1.37 -3.02 2.11
CA ALA A 367 -1.60 -2.36 3.42
C ALA A 367 -0.38 -1.54 3.83
N TYR A 368 0.54 -1.22 2.92
CA TYR A 368 1.78 -0.46 3.20
C TYR A 368 1.44 0.80 4.00
N ASP A 369 0.48 1.59 3.50
CA ASP A 369 0.17 2.91 4.10
C ASP A 369 -0.50 2.72 5.46
N GLN A 370 -1.29 1.68 5.59
CA GLN A 370 -2.00 1.38 6.86
C GLN A 370 -0.93 0.99 7.90
N VAL A 371 0.06 0.18 7.54
CA VAL A 371 1.16 -0.19 8.49
C VAL A 371 1.87 1.10 8.93
N LEU A 372 2.23 1.95 7.96
CA LEU A 372 3.06 3.15 8.20
C LEU A 372 2.26 4.20 8.97
N HIS A 373 1.05 4.51 8.51
CA HIS A 373 0.24 5.66 8.97
C HIS A 373 -0.62 5.28 10.18
N ASP A 374 -1.27 4.11 10.17
CA ASP A 374 -2.27 3.71 11.18
C ASP A 374 -1.64 2.92 12.33
N VAL A 375 -0.53 2.20 12.09
CA VAL A 375 0.15 1.36 13.13
C VAL A 375 1.42 2.05 13.63
N ALA A 376 2.29 2.51 12.73
CA ALA A 376 3.70 2.84 13.08
C ALA A 376 3.80 4.23 13.72
N ILE A 377 3.00 5.21 13.28
CA ILE A 377 3.11 6.61 13.80
C ILE A 377 2.91 6.62 15.32
N GLU A 378 1.88 5.94 15.84
CA GLU A 378 1.64 5.84 17.31
C GLU A 378 2.25 4.55 17.86
N HIS A 379 3.06 3.82 17.09
CA HIS A 379 3.86 2.67 17.59
C HIS A 379 2.91 1.67 18.28
N LEU A 380 1.89 1.17 17.57
CA LEU A 380 0.78 0.37 18.18
C LEU A 380 1.17 -1.12 18.25
N ASN A 381 0.52 -1.84 19.18
CA ASN A 381 0.72 -3.27 19.48
C ASN A 381 0.07 -4.16 18.42
N VAL A 382 0.50 -4.09 17.17
CA VAL A 382 0.06 -5.03 16.10
C VAL A 382 1.23 -5.93 15.76
N THR A 383 1.00 -7.24 15.83
CA THR A 383 1.94 -8.30 15.42
C THR A 383 1.53 -8.77 14.03
N PHE A 384 2.43 -8.68 13.06
CA PHE A 384 2.23 -9.17 11.67
C PHE A 384 2.92 -10.53 11.54
N CYS A 385 2.14 -11.58 11.39
CA CYS A 385 2.63 -12.94 11.05
C CYS A 385 2.46 -13.13 9.54
N ILE A 386 3.58 -13.05 8.83
CA ILE A 386 3.63 -12.87 7.36
C ILE A 386 4.03 -14.21 6.74
N ASP A 387 3.06 -14.91 6.17
CA ASP A 387 3.22 -16.19 5.45
C ASP A 387 3.70 -15.92 4.01
N ARG A 388 4.11 -16.95 3.27
CA ARG A 388 4.43 -16.85 1.83
C ARG A 388 5.47 -15.75 1.62
N ALA A 389 6.37 -15.57 2.59
CA ALA A 389 7.51 -14.65 2.52
C ALA A 389 8.57 -15.27 1.61
N GLY A 390 9.11 -14.46 0.68
CA GLY A 390 10.08 -14.90 -0.34
C GLY A 390 9.36 -15.44 -1.57
N ILE A 391 10.08 -16.17 -2.40
CA ILE A 391 9.54 -16.75 -3.66
C ILE A 391 8.49 -17.79 -3.28
N VAL A 392 7.31 -17.70 -3.90
CA VAL A 392 6.23 -18.71 -3.68
C VAL A 392 6.21 -19.71 -4.84
N GLY A 393 6.76 -19.33 -5.99
CA GLY A 393 7.01 -20.25 -7.13
C GLY A 393 5.90 -20.24 -8.17
N ALA A 394 5.02 -21.24 -8.12
CA ALA A 394 4.05 -21.57 -9.20
C ALA A 394 3.16 -20.34 -9.51
N ASP A 395 2.84 -19.50 -8.52
CA ASP A 395 1.89 -18.36 -8.68
C ASP A 395 2.56 -17.15 -9.35
N GLY A 396 3.89 -17.12 -9.48
CA GLY A 396 4.61 -16.14 -10.33
C GLY A 396 4.77 -14.74 -9.73
N ALA A 397 5.04 -13.78 -10.61
CA ALA A 397 5.46 -12.38 -10.31
C ALA A 397 4.44 -11.68 -9.43
N THR A 398 3.15 -11.96 -9.58
CA THR A 398 2.07 -11.25 -8.87
C THR A 398 2.01 -11.69 -7.39
N HIS A 399 2.66 -12.81 -7.03
CA HIS A 399 2.48 -13.48 -5.72
C HIS A 399 3.79 -13.63 -4.95
N ASN A 400 4.96 -13.48 -5.60
CA ASN A 400 6.29 -13.64 -4.94
C ASN A 400 6.47 -12.53 -3.88
N GLY A 401 6.53 -12.92 -2.61
CA GLY A 401 6.61 -12.01 -1.45
C GLY A 401 8.04 -11.60 -1.17
N VAL A 402 8.61 -10.86 -2.09
CA VAL A 402 10.08 -10.67 -2.20
C VAL A 402 10.45 -9.20 -1.89
N PHE A 403 9.52 -8.43 -1.31
CA PHE A 403 9.66 -6.96 -1.11
C PHE A 403 9.49 -6.55 0.36
N ASP A 404 9.00 -7.43 1.24
CA ASP A 404 8.62 -7.05 2.62
C ASP A 404 9.84 -6.64 3.45
N LEU A 405 11.02 -7.24 3.26
CA LEU A 405 12.23 -6.85 4.03
C LEU A 405 12.67 -5.46 3.57
N SER A 406 12.32 -5.05 2.36
CA SER A 406 12.61 -3.69 1.85
C SER A 406 11.57 -2.69 2.35
N PHE A 407 10.27 -2.97 2.18
CA PHE A 407 9.20 -1.96 2.43
C PHE A 407 8.95 -1.82 3.93
N LEU A 408 9.00 -2.89 4.72
CA LEU A 408 8.71 -2.80 6.18
C LEU A 408 9.86 -2.07 6.89
N ARG A 409 11.10 -2.25 6.42
CA ARG A 409 12.36 -1.80 7.06
C ARG A 409 12.42 -0.27 7.10
N SER A 410 11.87 0.41 6.09
N SER A 410 11.85 0.36 6.06
CA SER A 410 11.91 1.89 5.98
CA SER A 410 11.78 1.82 5.84
C SER A 410 10.82 2.53 6.85
C SER A 410 10.83 2.51 6.83
N ILE A 411 10.00 1.73 7.53
CA ILE A 411 8.95 2.24 8.47
C ILE A 411 9.53 2.37 9.87
N PRO A 412 9.61 3.58 10.47
CA PRO A 412 10.12 3.71 11.82
C PRO A 412 9.36 2.79 12.78
N GLY A 413 10.09 2.11 13.66
CA GLY A 413 9.53 1.36 14.79
C GLY A 413 9.00 -0.01 14.43
N VAL A 414 9.06 -0.45 13.16
CA VAL A 414 8.59 -1.81 12.77
C VAL A 414 9.76 -2.80 12.91
N ARG A 415 9.66 -3.69 13.89
CA ARG A 415 10.68 -4.74 14.14
C ARG A 415 10.40 -5.87 13.14
N ILE A 416 11.47 -6.52 12.66
CA ILE A 416 11.40 -7.61 11.63
C ILE A 416 12.25 -8.79 12.10
N GLY A 417 11.61 -9.95 12.23
CA GLY A 417 12.23 -11.24 12.61
C GLY A 417 12.01 -12.30 11.54
N LEU A 418 13.01 -13.17 11.36
CA LEU A 418 13.03 -14.32 10.41
C LEU A 418 13.33 -15.58 11.24
N PRO A 419 12.31 -16.38 11.64
CA PRO A 419 12.56 -17.56 12.47
C PRO A 419 13.13 -18.75 11.69
N LYS A 420 14.16 -19.41 12.23
CA LYS A 420 14.80 -20.54 11.52
C LYS A 420 13.91 -21.78 11.64
N ASP A 421 13.07 -21.85 12.69
CA ASP A 421 12.27 -23.05 13.01
C ASP A 421 11.05 -22.65 13.85
N ALA A 422 10.18 -23.61 14.17
CA ALA A 422 8.91 -23.35 14.88
C ALA A 422 9.19 -22.85 16.30
N ALA A 423 10.30 -23.28 16.92
CA ALA A 423 10.74 -22.79 18.26
C ALA A 423 11.01 -21.28 18.20
N GLU A 424 11.77 -20.81 17.19
CA GLU A 424 12.10 -19.38 17.05
C GLU A 424 10.83 -18.60 16.71
N LEU A 425 9.93 -19.18 15.91
CA LEU A 425 8.64 -18.53 15.56
C LEU A 425 7.88 -18.23 16.87
N ARG A 426 7.82 -19.22 17.76
CA ARG A 426 7.14 -19.14 19.08
C ARG A 426 7.83 -18.08 19.94
N GLY A 427 9.16 -18.08 20.00
CA GLY A 427 9.93 -17.07 20.77
C GLY A 427 9.64 -15.67 20.27
N MET A 428 9.52 -15.52 18.95
CA MET A 428 9.28 -14.20 18.30
C MET A 428 7.83 -13.77 18.56
N LEU A 429 6.86 -14.68 18.47
CA LEU A 429 5.43 -14.37 18.69
C LEU A 429 5.21 -13.95 20.15
N LYS A 430 5.80 -14.67 21.09
CA LYS A 430 5.76 -14.35 22.54
C LYS A 430 6.40 -12.98 22.79
N TYR A 431 7.60 -12.74 22.23
CA TYR A 431 8.27 -11.43 22.37
C TYR A 431 7.32 -10.33 21.88
N ALA A 432 6.79 -10.50 20.67
CA ALA A 432 5.98 -9.48 19.96
C ALA A 432 4.71 -9.19 20.78
N GLN A 433 4.05 -10.24 21.28
CA GLN A 433 2.77 -10.17 22.01
C GLN A 433 2.95 -9.59 23.43
N THR A 434 4.17 -9.50 23.97
CA THR A 434 4.41 -9.02 25.36
C THR A 434 5.23 -7.73 25.43
N HIS A 435 5.68 -7.17 24.31
CA HIS A 435 6.52 -5.94 24.27
C HIS A 435 5.85 -4.89 23.40
N ASP A 436 6.18 -3.62 23.64
CA ASP A 436 5.47 -2.45 23.08
C ASP A 436 5.76 -2.29 21.58
N GLY A 437 4.73 -1.91 20.82
CA GLY A 437 4.86 -1.45 19.43
C GLY A 437 4.72 -2.58 18.43
N PRO A 438 4.89 -2.31 17.12
CA PRO A 438 4.70 -3.31 16.08
C PRO A 438 5.90 -4.25 15.84
N PHE A 439 5.59 -5.48 15.48
CA PHE A 439 6.57 -6.54 15.14
C PHE A 439 6.08 -7.25 13.89
N ALA A 440 7.01 -7.55 12.99
CA ALA A 440 6.76 -8.42 11.82
C ALA A 440 7.61 -9.68 11.95
N ILE A 441 6.97 -10.84 11.73
CA ILE A 441 7.59 -12.19 11.69
C ILE A 441 7.28 -12.78 10.31
N ARG A 442 8.32 -13.05 9.51
CA ARG A 442 8.13 -13.46 8.09
C ARG A 442 8.69 -14.86 7.89
N TYR A 443 7.92 -15.71 7.23
CA TYR A 443 8.27 -17.14 7.02
C TYR A 443 7.77 -17.59 5.65
N PRO A 444 8.45 -18.56 5.02
CA PRO A 444 8.13 -18.97 3.66
C PRO A 444 6.99 -19.99 3.57
N ARG A 445 6.43 -20.10 2.36
CA ARG A 445 5.77 -21.34 1.88
C ARG A 445 6.82 -22.46 1.99
N GLY A 446 6.50 -23.55 2.70
CA GLY A 446 7.45 -24.63 2.98
C GLY A 446 7.20 -25.25 4.34
N ASN A 447 8.06 -26.19 4.74
CA ASN A 447 7.85 -27.06 5.91
C ASN A 447 8.92 -26.77 6.96
N THR A 448 8.58 -27.06 8.22
CA THR A 448 9.50 -27.02 9.38
C THR A 448 9.09 -28.14 10.33
N ALA A 449 10.04 -28.65 11.11
CA ALA A 449 9.81 -29.71 12.10
C ALA A 449 8.71 -29.25 13.07
N GLN A 450 7.75 -30.13 13.30
CA GLN A 450 6.75 -30.10 14.41
C GLN A 450 7.50 -29.90 15.72
N VAL A 451 6.89 -29.16 16.65
CA VAL A 451 7.52 -28.80 17.95
C VAL A 451 6.48 -29.04 19.03
N PRO A 452 6.87 -29.52 20.23
CA PRO A 452 5.91 -29.81 21.29
C PRO A 452 5.13 -28.57 21.75
N ALA A 453 3.85 -28.78 22.12
CA ALA A 453 3.07 -27.80 22.88
C ALA A 453 3.90 -27.35 24.08
N GLY A 454 3.81 -26.07 24.44
CA GLY A 454 4.53 -25.46 25.58
C GLY A 454 5.93 -25.02 25.20
N THR A 455 6.31 -25.10 23.92
CA THR A 455 7.59 -24.54 23.40
C THR A 455 7.44 -23.01 23.31
N TRP A 456 7.97 -22.29 24.31
CA TRP A 456 7.92 -20.80 24.41
C TRP A 456 9.26 -20.29 24.90
N PRO A 457 10.30 -20.36 24.05
CA PRO A 457 11.63 -19.92 24.44
C PRO A 457 11.60 -18.41 24.76
N ASP A 458 12.49 -17.99 25.66
CA ASP A 458 12.85 -16.58 25.94
C ASP A 458 13.90 -16.16 24.93
N LEU A 459 13.61 -15.16 24.13
CA LEU A 459 14.52 -14.69 23.07
C LEU A 459 14.59 -13.16 23.17
N LYS A 460 15.80 -12.61 23.18
CA LYS A 460 16.01 -11.15 23.19
C LYS A 460 15.90 -10.68 21.73
N TRP A 461 14.85 -9.93 21.41
CA TRP A 461 14.63 -9.38 20.05
C TRP A 461 15.86 -8.57 19.64
N GLY A 462 16.45 -8.84 18.47
CA GLY A 462 17.62 -8.09 17.97
C GLY A 462 18.93 -8.87 18.14
N GLU A 463 18.92 -9.97 18.89
CA GLU A 463 20.11 -10.84 19.11
C GLU A 463 20.20 -11.90 18.00
N TRP A 464 21.32 -11.93 17.26
CA TRP A 464 21.62 -13.02 16.30
C TRP A 464 22.19 -14.21 17.08
N GLU A 465 22.43 -15.33 16.40
CA GLU A 465 23.08 -16.51 17.01
C GLU A 465 24.13 -17.07 16.03
N ARG A 466 25.37 -17.25 16.47
CA ARG A 466 26.35 -18.03 15.68
C ARG A 466 25.96 -19.52 15.72
N LEU A 467 25.87 -20.15 14.56
CA LEU A 467 25.49 -21.57 14.39
C LEU A 467 26.69 -22.41 13.93
N LYS A 468 27.67 -21.82 13.25
CA LYS A 468 28.88 -22.55 12.82
C LYS A 468 30.11 -21.66 12.98
N GLY A 469 31.18 -22.21 13.55
CA GLY A 469 32.46 -21.49 13.77
C GLY A 469 33.14 -21.23 12.45
N GLY A 470 34.08 -20.29 12.44
CA GLY A 470 34.81 -19.83 11.25
C GLY A 470 34.87 -18.32 11.21
N ASP A 471 36.02 -17.77 10.83
CA ASP A 471 36.27 -16.31 10.87
C ASP A 471 36.91 -15.83 9.56
N ASP A 472 37.25 -16.73 8.63
CA ASP A 472 37.78 -16.35 7.29
C ASP A 472 36.65 -15.64 6.52
N VAL A 473 35.61 -16.41 6.13
CA VAL A 473 34.37 -15.90 5.48
C VAL A 473 33.18 -16.28 6.36
N VAL A 474 32.33 -15.32 6.70
CA VAL A 474 31.11 -15.52 7.52
C VAL A 474 29.86 -15.25 6.65
N ILE A 475 28.94 -16.21 6.58
CA ILE A 475 27.61 -16.06 5.91
C ILE A 475 26.61 -15.57 6.97
N LEU A 476 25.93 -14.44 6.69
CA LEU A 476 24.79 -13.91 7.48
C LEU A 476 23.50 -14.21 6.73
N ALA A 477 22.60 -14.98 7.35
CA ALA A 477 21.33 -15.38 6.70
C ALA A 477 20.30 -15.76 7.77
N GLY A 478 19.02 -15.60 7.42
CA GLY A 478 17.85 -15.94 8.23
C GLY A 478 16.87 -16.78 7.42
N GLY A 479 15.98 -17.48 8.12
CA GLY A 479 14.90 -18.28 7.51
C GLY A 479 15.41 -19.23 6.44
N LYS A 480 14.77 -19.20 5.27
CA LYS A 480 15.05 -20.17 4.17
C LYS A 480 16.50 -20.02 3.71
N ALA A 481 16.97 -18.78 3.61
CA ALA A 481 18.37 -18.47 3.20
C ALA A 481 19.36 -19.14 4.16
N LEU A 482 19.01 -19.25 5.45
CA LEU A 482 19.91 -19.83 6.49
C LEU A 482 20.15 -21.32 6.18
N ASP A 483 19.11 -22.02 5.76
CA ASP A 483 19.20 -23.47 5.44
C ASP A 483 20.17 -23.64 4.26
N TYR A 484 20.10 -22.76 3.26
CA TYR A 484 21.07 -22.77 2.13
C TYR A 484 22.48 -22.53 2.70
N ALA A 485 22.65 -21.57 3.63
CA ALA A 485 23.94 -21.14 4.18
C ALA A 485 24.62 -22.30 4.91
N LEU A 486 23.89 -23.02 5.78
CA LEU A 486 24.43 -24.15 6.58
C LEU A 486 24.82 -25.30 5.66
N LYS A 487 24.00 -25.60 4.65
CA LYS A 487 24.31 -26.65 3.63
C LYS A 487 25.59 -26.25 2.87
N ALA A 488 25.68 -25.00 2.40
CA ALA A 488 26.82 -24.46 1.63
C ALA A 488 28.14 -24.58 2.41
N ALA A 489 28.11 -24.39 3.73
CA ALA A 489 29.32 -24.25 4.58
C ALA A 489 29.79 -25.60 5.15
N GLU A 490 28.99 -26.67 5.02
CA GLU A 490 29.38 -28.05 5.46
C GLU A 490 30.82 -28.36 5.05
N ASP A 491 31.65 -28.79 6.00
CA ASP A 491 33.00 -29.38 5.78
C ASP A 491 33.96 -28.30 5.25
N LEU A 492 33.62 -27.03 5.44
CA LEU A 492 34.52 -25.88 5.19
C LEU A 492 34.82 -25.23 6.54
N PRO A 493 35.98 -25.53 7.16
CA PRO A 493 36.26 -25.11 8.53
C PRO A 493 36.45 -23.60 8.78
N GLY A 494 36.84 -22.85 7.76
CA GLY A 494 37.03 -21.38 7.88
C GLY A 494 35.73 -20.61 7.67
N VAL A 495 34.62 -21.26 7.31
CA VAL A 495 33.36 -20.58 6.90
C VAL A 495 32.36 -20.53 8.06
N GLY A 496 32.20 -19.37 8.70
CA GLY A 496 31.20 -19.16 9.75
C GLY A 496 29.79 -18.99 9.19
N VAL A 497 28.78 -19.38 9.97
CA VAL A 497 27.36 -19.14 9.65
C VAL A 497 26.69 -18.51 10.88
N VAL A 498 26.07 -17.35 10.68
CA VAL A 498 25.29 -16.60 11.71
C VAL A 498 23.81 -16.62 11.31
N ASN A 499 22.96 -17.00 12.25
CA ASN A 499 21.48 -16.87 12.12
C ASN A 499 21.16 -15.39 12.31
N ALA A 500 21.09 -14.66 11.19
CA ALA A 500 20.62 -13.25 11.13
C ALA A 500 19.09 -13.27 11.18
N ARG A 501 18.56 -13.69 12.32
CA ARG A 501 17.11 -13.96 12.52
C ARG A 501 16.38 -12.63 12.79
N PHE A 502 17.10 -11.51 12.90
CA PHE A 502 16.48 -10.17 13.04
C PHE A 502 17.05 -9.22 11.96
N VAL A 503 16.15 -8.59 11.22
CA VAL A 503 16.50 -7.62 10.16
C VAL A 503 16.35 -6.21 10.73
N LYS A 504 15.44 -6.01 11.69
CA LYS A 504 15.25 -4.71 12.37
C LYS A 504 14.88 -4.94 13.83
N PRO A 505 15.70 -4.48 14.81
CA PRO A 505 17.06 -4.00 14.55
C PRO A 505 17.94 -5.18 14.11
N LEU A 506 19.09 -4.92 13.50
CA LEU A 506 20.17 -5.92 13.32
C LEU A 506 20.82 -6.12 14.68
N ASP A 507 21.61 -7.18 14.85
CA ASP A 507 22.54 -7.36 15.99
C ASP A 507 23.81 -6.53 15.73
N GLU A 508 23.85 -5.29 16.20
CA GLU A 508 24.95 -4.34 15.91
C GLU A 508 26.25 -4.88 16.52
N GLU A 509 26.19 -5.33 17.78
CA GLU A 509 27.35 -5.89 18.53
C GLU A 509 27.94 -7.06 17.74
N MET A 510 27.12 -8.02 17.28
CA MET A 510 27.67 -9.20 16.59
C MET A 510 28.16 -8.80 15.18
N LEU A 511 27.46 -7.89 14.50
CA LEU A 511 27.87 -7.48 13.12
C LEU A 511 29.21 -6.75 13.18
N ARG A 512 29.39 -5.84 14.14
CA ARG A 512 30.66 -5.13 14.45
C ARG A 512 31.81 -6.14 14.64
N GLU A 513 31.60 -7.17 15.46
CA GLU A 513 32.62 -8.20 15.81
C GLU A 513 32.99 -8.98 14.53
N VAL A 514 31.99 -9.53 13.85
CA VAL A 514 32.17 -10.33 12.60
C VAL A 514 32.73 -9.41 11.49
N GLY A 515 32.22 -8.18 11.37
CA GLY A 515 32.61 -7.22 10.33
C GLY A 515 34.04 -6.75 10.49
N GLY A 516 34.55 -6.72 11.72
CA GLY A 516 35.93 -6.34 12.04
C GLY A 516 36.89 -7.50 11.80
N ARG A 517 36.46 -8.73 12.10
CA ARG A 517 37.35 -9.93 12.17
C ARG A 517 37.36 -10.65 10.82
N ALA A 518 36.24 -10.71 10.11
CA ALA A 518 36.10 -11.51 8.88
C ALA A 518 36.76 -10.78 7.71
N ARG A 519 37.42 -11.54 6.84
CA ARG A 519 37.96 -11.10 5.53
C ARG A 519 36.79 -10.68 4.62
N ALA A 520 35.75 -11.51 4.55
CA ALA A 520 34.57 -11.29 3.68
C ALA A 520 33.29 -11.73 4.40
N LEU A 521 32.20 -11.02 4.17
CA LEU A 521 30.83 -11.43 4.59
C LEU A 521 30.06 -11.80 3.32
N ILE A 522 29.21 -12.81 3.44
CA ILE A 522 28.11 -13.09 2.47
C ILE A 522 26.78 -12.88 3.20
N THR A 523 25.89 -12.06 2.65
CA THR A 523 24.48 -11.93 3.09
C THR A 523 23.61 -12.70 2.10
N VAL A 524 22.64 -13.45 2.62
CA VAL A 524 21.64 -14.21 1.81
C VAL A 524 20.26 -13.87 2.33
N GLU A 525 19.36 -13.54 1.42
CA GLU A 525 17.95 -13.21 1.73
C GLU A 525 17.04 -13.72 0.61
N ASP A 526 15.92 -14.33 1.00
CA ASP A 526 14.76 -14.64 0.13
C ASP A 526 13.95 -13.35 -0.01
N ASN A 527 14.52 -12.38 -0.70
CA ASN A 527 14.04 -10.98 -0.80
C ASN A 527 14.89 -10.31 -1.89
N THR A 528 14.38 -9.24 -2.47
CA THR A 528 15.12 -8.41 -3.44
C THR A 528 16.42 -7.94 -2.78
N VAL A 529 17.50 -7.87 -3.57
CA VAL A 529 18.82 -7.32 -3.14
C VAL A 529 18.69 -5.81 -2.92
N VAL A 530 17.64 -5.17 -3.45
CA VAL A 530 17.47 -3.69 -3.35
C VAL A 530 16.79 -3.34 -2.02
N GLY A 531 17.55 -2.74 -1.10
CA GLY A 531 17.01 -2.15 0.15
C GLY A 531 16.59 -3.19 1.16
N GLY A 532 17.02 -4.45 0.98
CA GLY A 532 16.64 -5.58 1.84
C GLY A 532 17.65 -5.80 2.97
N PHE A 533 17.81 -7.05 3.39
CA PHE A 533 18.76 -7.45 4.46
C PHE A 533 20.18 -7.03 4.10
N GLY A 534 20.60 -7.28 2.85
CA GLY A 534 21.95 -6.90 2.39
C GLY A 534 22.16 -5.41 2.59
N GLY A 535 21.17 -4.61 2.18
CA GLY A 535 21.16 -3.15 2.37
C GLY A 535 21.23 -2.76 3.83
N ALA A 536 20.42 -3.37 4.69
CA ALA A 536 20.47 -3.13 6.16
C ALA A 536 21.90 -3.35 6.65
N VAL A 537 22.53 -4.45 6.24
CA VAL A 537 23.92 -4.79 6.69
C VAL A 537 24.89 -3.72 6.20
N LEU A 538 24.80 -3.30 4.94
CA LEU A 538 25.77 -2.31 4.38
C LEU A 538 25.57 -0.96 5.07
N GLU A 539 24.32 -0.55 5.34
CA GLU A 539 24.00 0.69 6.09
C GLU A 539 24.61 0.64 7.49
N ALA A 540 24.45 -0.48 8.19
CA ALA A 540 24.96 -0.72 9.56
C ALA A 540 26.50 -0.67 9.58
N LEU A 541 27.15 -1.40 8.66
CA LEU A 541 28.64 -1.43 8.54
C LEU A 541 29.19 -0.03 8.27
N ASN A 542 28.51 0.73 7.40
CA ASN A 542 28.91 2.11 7.02
C ASN A 542 28.90 3.03 8.26
N SER A 543 27.86 2.97 9.08
CA SER A 543 27.70 3.83 10.28
C SER A 543 28.70 3.40 11.36
N MET A 544 29.30 2.21 11.25
CA MET A 544 30.38 1.72 12.14
C MET A 544 31.75 1.98 11.53
N ASN A 545 31.79 2.53 10.30
CA ASN A 545 33.04 2.76 9.53
C ASN A 545 33.82 1.44 9.38
N LEU A 546 33.12 0.34 9.11
CA LEU A 546 33.73 -0.98 8.83
C LEU A 546 33.61 -1.27 7.34
N HIS A 547 34.64 -1.86 6.73
CA HIS A 547 34.76 -2.00 5.26
C HIS A 547 35.15 -3.42 4.87
N PRO A 548 34.45 -4.46 5.38
CA PRO A 548 34.72 -5.82 4.93
C PRO A 548 34.30 -5.96 3.46
N THR A 549 34.83 -6.96 2.77
CA THR A 549 34.26 -7.40 1.48
C THR A 549 32.91 -8.02 1.81
N VAL A 550 31.88 -7.64 1.06
CA VAL A 550 30.50 -8.16 1.25
C VAL A 550 29.94 -8.57 -0.10
N ARG A 551 29.51 -9.83 -0.21
CA ARG A 551 28.71 -10.38 -1.33
C ARG A 551 27.26 -10.43 -0.86
N VAL A 552 26.41 -9.62 -1.49
CA VAL A 552 24.96 -9.52 -1.20
C VAL A 552 24.26 -10.46 -2.16
N LEU A 553 23.74 -11.57 -1.66
CA LEU A 553 23.02 -12.59 -2.45
C LEU A 553 21.53 -12.47 -2.16
N GLY A 554 20.69 -12.51 -3.21
CA GLY A 554 19.23 -12.42 -3.08
C GLY A 554 18.56 -12.46 -4.42
N ILE A 555 17.25 -12.17 -4.45
CA ILE A 555 16.47 -12.07 -5.72
C ILE A 555 16.97 -10.81 -6.43
N PRO A 556 17.30 -10.88 -7.74
CA PRO A 556 17.70 -9.69 -8.46
C PRO A 556 16.51 -8.72 -8.61
N ASP A 557 16.79 -7.47 -8.98
CA ASP A 557 15.78 -6.39 -9.17
C ASP A 557 14.99 -6.65 -10.46
N GLU A 558 14.31 -7.80 -10.53
CA GLU A 558 13.54 -8.26 -11.71
C GLU A 558 12.42 -9.16 -11.20
N PHE A 559 11.22 -9.04 -11.77
CA PHE A 559 10.07 -9.91 -11.45
C PHE A 559 10.45 -11.35 -11.85
N GLN A 560 10.05 -12.30 -11.01
CA GLN A 560 10.38 -13.74 -11.16
C GLN A 560 9.12 -14.45 -11.64
N GLU A 561 9.17 -14.98 -12.86
CA GLU A 561 8.04 -15.69 -13.51
C GLU A 561 7.84 -17.04 -12.79
N HIS A 562 6.65 -17.60 -12.98
CA HIS A 562 6.22 -18.91 -12.45
C HIS A 562 7.27 -19.98 -12.75
N ALA A 563 7.66 -20.69 -11.69
CA ALA A 563 8.67 -21.77 -11.64
C ALA A 563 8.64 -22.31 -10.21
N THR A 564 9.34 -23.40 -9.91
CA THR A 564 9.51 -23.84 -8.50
C THR A 564 10.42 -22.82 -7.81
N ALA A 565 10.25 -22.63 -6.51
CA ALA A 565 11.11 -21.74 -5.68
C ALA A 565 12.57 -22.15 -5.85
N GLU A 566 12.80 -23.46 -5.93
CA GLU A 566 14.15 -24.07 -6.01
C GLU A 566 14.80 -23.62 -7.32
N SER A 567 14.06 -23.70 -8.43
CA SER A 567 14.48 -23.18 -9.76
C SER A 567 14.81 -21.68 -9.67
N VAL A 568 13.93 -20.87 -9.05
CA VAL A 568 14.14 -19.39 -8.97
C VAL A 568 15.41 -19.10 -8.14
N HIS A 569 15.55 -19.77 -7.00
CA HIS A 569 16.71 -19.64 -6.07
C HIS A 569 18.03 -20.03 -6.76
N ALA A 570 18.04 -21.09 -7.54
CA ALA A 570 19.22 -21.58 -8.30
C ALA A 570 19.62 -20.49 -9.30
N ARG A 571 18.69 -19.89 -10.01
CA ARG A 571 19.03 -18.87 -11.03
C ARG A 571 19.34 -17.53 -10.33
N ALA A 572 18.75 -17.25 -9.17
CA ALA A 572 19.04 -16.02 -8.38
C ALA A 572 20.44 -16.11 -7.76
N GLY A 573 20.90 -17.31 -7.43
CA GLY A 573 22.23 -17.55 -6.86
C GLY A 573 22.22 -17.58 -5.33
N ILE A 574 21.13 -18.04 -4.71
CA ILE A 574 21.03 -18.06 -3.22
C ILE A 574 20.96 -19.51 -2.67
N ASP A 575 20.90 -20.54 -3.50
CA ASP A 575 20.90 -21.95 -2.99
C ASP A 575 22.34 -22.35 -2.62
N ALA A 576 22.51 -23.53 -2.00
CA ALA A 576 23.78 -23.96 -1.41
C ALA A 576 24.88 -24.03 -2.47
N PRO A 577 24.65 -24.62 -3.67
CA PRO A 577 25.68 -24.66 -4.72
C PRO A 577 26.12 -23.26 -5.19
N ALA A 578 25.20 -22.31 -5.34
CA ALA A 578 25.52 -20.91 -5.70
C ALA A 578 26.36 -20.28 -4.60
N ILE A 579 26.03 -20.55 -3.34
CA ILE A 579 26.80 -19.98 -2.20
C ILE A 579 28.20 -20.62 -2.22
N ARG A 580 28.30 -21.92 -2.43
CA ARG A 580 29.59 -22.67 -2.48
C ARG A 580 30.47 -22.11 -3.62
N THR A 581 29.87 -21.71 -4.74
CA THR A 581 30.59 -21.09 -5.90
C THR A 581 31.15 -19.73 -5.48
N VAL A 582 30.39 -18.92 -4.76
CA VAL A 582 30.86 -17.60 -4.24
C VAL A 582 32.00 -17.85 -3.24
N LEU A 583 31.85 -18.84 -2.36
CA LEU A 583 32.92 -19.18 -1.39
C LEU A 583 34.20 -19.58 -2.13
N ALA A 584 34.09 -20.39 -3.18
CA ALA A 584 35.23 -20.82 -4.01
C ALA A 584 35.89 -19.59 -4.63
N GLU A 585 35.10 -18.67 -5.18
CA GLU A 585 35.60 -17.40 -5.78
C GLU A 585 36.36 -16.59 -4.73
N LEU A 586 35.86 -16.53 -3.49
CA LEU A 586 36.52 -15.78 -2.39
C LEU A 586 37.79 -16.50 -1.91
N GLY A 587 38.09 -17.68 -2.47
CA GLY A 587 39.38 -18.35 -2.26
C GLY A 587 39.32 -19.31 -1.09
N VAL A 588 38.12 -19.77 -0.74
CA VAL A 588 37.91 -20.88 0.24
C VAL A 588 38.14 -22.20 -0.52
N ASP A 589 38.82 -23.16 0.12
CA ASP A 589 39.13 -24.51 -0.43
C ASP A 589 37.85 -25.34 -0.41
N VAL A 590 37.14 -25.43 -1.56
CA VAL A 590 35.84 -26.16 -1.70
C VAL A 590 36.07 -27.41 -2.55
N PRO A 591 35.80 -28.64 -2.04
CA PRO A 591 35.95 -29.88 -2.82
C PRO A 591 35.41 -29.80 -4.27
N ASN B 4 -15.16 37.69 33.92
CA ASN B 4 -16.48 37.87 33.25
C ASN B 4 -16.52 39.26 32.60
N GLU B 5 -16.12 39.36 31.33
CA GLU B 5 -15.98 40.67 30.63
C GLU B 5 -17.33 41.10 30.05
N LEU B 6 -17.42 42.36 29.63
CA LEU B 6 -18.68 42.99 29.19
C LEU B 6 -19.21 42.30 27.94
N PRO B 7 -20.55 42.24 27.74
CA PRO B 7 -21.11 41.77 26.47
C PRO B 7 -20.60 42.63 25.30
N GLY B 8 -20.26 42.01 24.17
CA GLY B 8 -19.71 42.73 23.01
C GLY B 8 -19.60 41.85 21.78
N THR B 9 -18.81 42.31 20.80
CA THR B 9 -18.64 41.68 19.46
C THR B 9 -17.91 40.34 19.60
N SER B 10 -17.05 40.18 20.62
CA SER B 10 -16.17 38.99 20.75
C SER B 10 -16.05 38.55 22.23
N ASP B 11 -17.15 38.57 22.98
CA ASP B 11 -17.21 37.96 24.33
C ASP B 11 -17.65 36.49 24.17
N THR B 12 -17.20 35.62 25.06
CA THR B 12 -17.48 34.15 25.04
C THR B 12 -17.71 33.69 26.48
N PRO B 13 -18.82 34.12 27.12
CA PRO B 13 -19.10 33.76 28.51
C PRO B 13 -19.21 32.25 28.73
N LEU B 14 -19.85 31.51 27.82
CA LEU B 14 -20.05 30.03 27.95
C LEU B 14 -18.71 29.29 27.82
N LEU B 15 -17.92 29.56 26.76
CA LEU B 15 -16.62 28.89 26.48
C LEU B 15 -15.64 29.12 27.63
N ASP B 16 -15.63 30.32 28.20
CA ASP B 16 -14.75 30.69 29.35
C ASP B 16 -14.92 29.68 30.49
N GLN B 17 -16.11 29.06 30.62
CA GLN B 17 -16.45 28.09 31.70
C GLN B 17 -16.29 26.63 31.25
N ILE B 18 -15.92 26.38 29.98
CA ILE B 18 -15.79 25.00 29.43
C ILE B 18 -14.30 24.66 29.24
N HIS B 19 -13.77 23.77 30.09
CA HIS B 19 -12.36 23.30 30.07
C HIS B 19 -12.29 21.84 29.59
N GLY B 20 -13.46 21.22 29.37
CA GLY B 20 -13.61 19.81 28.96
C GLY B 20 -15.09 19.46 28.73
N PRO B 21 -15.40 18.30 28.13
CA PRO B 21 -16.79 17.91 27.86
C PRO B 21 -17.74 17.87 29.06
N LYS B 22 -17.25 17.61 30.28
CA LYS B 22 -18.09 17.56 31.51
C LYS B 22 -18.71 18.95 31.76
N ASP B 23 -17.92 20.02 31.63
CA ASP B 23 -18.38 21.43 31.76
C ASP B 23 -19.47 21.75 30.73
N LEU B 24 -19.37 21.19 29.52
CA LEU B 24 -20.33 21.39 28.40
C LEU B 24 -21.71 20.81 28.78
N LYS B 25 -21.74 19.72 29.55
CA LYS B 25 -23.00 19.00 29.94
C LYS B 25 -23.79 19.80 30.97
N ARG B 26 -23.13 20.68 31.73
CA ARG B 26 -23.77 21.64 32.68
C ARG B 26 -24.71 22.62 31.94
N LEU B 27 -24.47 22.89 30.64
CA LEU B 27 -25.39 23.70 29.80
C LEU B 27 -26.69 22.94 29.57
N SER B 28 -27.82 23.65 29.49
CA SER B 28 -29.13 23.12 29.03
C SER B 28 -29.13 23.13 27.50
N ARG B 29 -29.93 22.26 26.88
CA ARG B 29 -30.02 22.10 25.40
C ARG B 29 -30.25 23.47 24.75
N GLU B 30 -31.06 24.32 25.39
CA GLU B 30 -31.53 25.61 24.83
C GLU B 30 -30.33 26.56 24.71
N GLN B 31 -29.29 26.36 25.52
CA GLN B 31 -28.05 27.19 25.55
C GLN B 31 -27.08 26.78 24.40
N LEU B 32 -27.28 25.61 23.78
CA LEU B 32 -26.27 25.02 22.84
C LEU B 32 -26.16 25.85 21.56
N PRO B 33 -27.25 26.40 20.97
CA PRO B 33 -27.12 27.33 19.86
C PRO B 33 -26.21 28.55 20.13
N ALA B 34 -26.25 29.13 21.34
CA ALA B 34 -25.36 30.25 21.75
C ALA B 34 -23.90 29.77 21.81
N LEU B 35 -23.65 28.55 22.30
CA LEU B 35 -22.28 27.98 22.38
C LEU B 35 -21.72 27.78 20.95
N THR B 36 -22.55 27.18 20.11
CA THR B 36 -22.34 26.95 18.65
C THR B 36 -21.78 28.25 18.03
N GLU B 37 -22.45 29.39 18.23
CA GLU B 37 -22.04 30.70 17.68
C GLU B 37 -20.74 31.16 18.36
N GLU B 38 -20.58 30.92 19.66
CA GLU B 38 -19.30 31.24 20.36
C GLU B 38 -18.16 30.46 19.69
N LEU B 39 -18.38 29.17 19.37
CA LEU B 39 -17.33 28.27 18.78
C LEU B 39 -16.97 28.77 17.38
N ARG B 40 -17.98 29.11 16.57
CA ARG B 40 -17.81 29.73 15.22
C ARG B 40 -16.93 30.98 15.32
N GLY B 41 -17.28 31.90 16.22
CA GLY B 41 -16.53 33.16 16.41
C GLY B 41 -15.09 32.88 16.81
N GLU B 42 -14.89 31.92 17.70
CA GLU B 42 -13.56 31.55 18.26
C GLU B 42 -12.65 31.00 17.16
N ILE B 43 -13.18 30.10 16.32
CA ILE B 43 -12.46 29.45 15.18
C ILE B 43 -12.07 30.52 14.16
N VAL B 44 -12.99 31.41 13.78
CA VAL B 44 -12.73 32.45 12.75
C VAL B 44 -11.65 33.42 13.27
N ARG B 45 -11.72 33.82 14.55
CA ARG B 45 -10.91 34.93 15.10
C ARG B 45 -9.48 34.45 15.41
N VAL B 46 -9.23 33.13 15.47
CA VAL B 46 -7.90 32.57 15.87
C VAL B 46 -7.27 31.83 14.69
N CYS B 47 -8.04 31.08 13.90
CA CYS B 47 -7.54 30.08 12.92
C CYS B 47 -7.72 30.58 11.47
N SER B 48 -7.63 31.90 11.24
CA SER B 48 -7.83 32.54 9.91
C SER B 48 -6.51 32.60 9.15
N ARG B 49 -5.46 33.18 9.75
CA ARG B 49 -4.11 33.38 9.16
C ARG B 49 -3.47 32.02 8.82
N GLY B 50 -2.86 31.92 7.64
CA GLY B 50 -2.28 30.69 7.07
C GLY B 50 -3.33 29.82 6.39
N GLY B 51 -4.55 30.33 6.25
CA GLY B 51 -5.71 29.63 5.65
C GLY B 51 -6.26 28.54 6.57
N LEU B 52 -5.53 27.43 6.68
CA LEU B 52 -5.92 26.20 7.42
C LEU B 52 -7.18 25.59 6.78
N HIS B 53 -7.79 24.60 7.47
CA HIS B 53 -9.03 23.88 7.04
C HIS B 53 -10.21 24.48 7.83
N LEU B 54 -10.26 25.81 7.85
CA LEU B 54 -11.25 26.64 8.59
C LEU B 54 -12.66 26.24 8.15
N ALA B 55 -12.90 26.19 6.84
CA ALA B 55 -14.22 25.94 6.22
C ALA B 55 -14.80 24.60 6.72
N SER B 56 -14.02 23.52 6.70
CA SER B 56 -14.45 22.19 7.18
C SER B 56 -14.73 22.20 8.70
N SER B 57 -13.88 22.83 9.51
CA SER B 57 -14.07 22.91 10.99
C SER B 57 -15.36 23.69 11.29
N LEU B 58 -15.59 24.83 10.62
CA LEU B 58 -16.82 25.66 10.79
C LEU B 58 -18.07 24.82 10.48
N GLY B 59 -18.06 24.10 9.36
CA GLY B 59 -19.16 23.21 8.95
C GLY B 59 -19.48 22.15 10.01
N ALA B 60 -18.49 21.76 10.82
CA ALA B 60 -18.59 20.62 11.76
C ALA B 60 -18.97 21.07 13.18
N VAL B 61 -19.12 22.36 13.47
CA VAL B 61 -19.22 22.87 14.87
C VAL B 61 -20.41 22.22 15.58
N ASP B 62 -21.54 22.10 14.90
CA ASP B 62 -22.83 21.71 15.52
C ASP B 62 -22.85 20.21 15.82
N ILE B 63 -22.42 19.38 14.86
CA ILE B 63 -22.36 17.90 15.07
C ILE B 63 -21.33 17.59 16.17
N ILE B 64 -20.22 18.32 16.22
CA ILE B 64 -19.19 18.08 17.28
C ILE B 64 -19.75 18.47 18.65
N THR B 65 -20.44 19.61 18.76
CA THR B 65 -21.07 20.11 20.02
C THR B 65 -22.08 19.06 20.50
N ALA B 66 -22.96 18.59 19.61
CA ALA B 66 -24.01 17.59 19.91
C ALA B 66 -23.38 16.28 20.38
N LEU B 67 -22.35 15.79 19.66
CA LEU B 67 -21.66 14.51 20.00
C LEU B 67 -21.09 14.58 21.41
N HIS B 68 -20.39 15.66 21.74
CA HIS B 68 -19.72 15.86 23.05
C HIS B 68 -20.76 16.12 24.15
N TYR B 69 -21.95 16.59 23.80
CA TYR B 69 -23.07 16.80 24.76
C TYR B 69 -23.70 15.46 25.10
N VAL B 70 -23.99 14.65 24.08
CA VAL B 70 -24.65 13.32 24.20
C VAL B 70 -23.65 12.29 24.75
N LEU B 71 -22.41 12.24 24.23
CA LEU B 71 -21.43 11.16 24.59
C LEU B 71 -20.53 11.63 25.73
N ASP B 72 -19.75 10.71 26.31
CA ASP B 72 -18.93 10.92 27.52
C ASP B 72 -17.46 10.61 27.19
N SER B 73 -16.85 11.39 26.30
CA SER B 73 -15.40 11.32 25.99
C SER B 73 -14.63 11.61 27.27
N PRO B 74 -13.55 10.87 27.63
CA PRO B 74 -12.93 9.86 26.76
C PRO B 74 -13.36 8.39 26.91
N ARG B 75 -14.31 8.07 27.79
CA ARG B 75 -14.86 6.69 27.90
C ARG B 75 -15.49 6.30 26.57
N ASP B 76 -16.39 7.14 26.06
CA ASP B 76 -16.92 7.02 24.67
C ASP B 76 -15.83 7.52 23.72
N ARG B 77 -15.71 6.88 22.56
CA ARG B 77 -14.65 7.17 21.56
C ARG B 77 -15.30 7.87 20.36
N ILE B 78 -14.92 9.13 20.15
CA ILE B 78 -15.29 9.94 18.97
C ILE B 78 -14.06 10.01 18.05
N LEU B 79 -14.19 9.41 16.86
CA LEU B 79 -13.14 9.26 15.82
C LEU B 79 -13.43 10.24 14.69
N PHE B 80 -12.49 11.11 14.36
CA PHE B 80 -12.60 12.09 13.25
C PHE B 80 -11.77 11.57 12.08
N ASP B 81 -12.41 11.40 10.93
CA ASP B 81 -11.72 11.03 9.66
C ASP B 81 -10.97 12.26 9.15
N VAL B 82 -9.68 12.09 8.81
CA VAL B 82 -8.72 13.17 8.39
C VAL B 82 -8.38 14.05 9.61
N GLY B 83 -9.38 14.64 10.27
CA GLY B 83 -9.21 15.40 11.53
C GLY B 83 -9.12 16.90 11.33
N HIS B 84 -9.12 17.37 10.08
CA HIS B 84 -9.05 18.81 9.68
C HIS B 84 -10.36 19.54 10.05
N GLN B 85 -11.40 18.82 10.49
CA GLN B 85 -12.75 19.37 10.77
C GLN B 85 -13.02 19.39 12.28
N ALA B 86 -12.00 19.17 13.10
CA ALA B 86 -12.15 18.92 14.56
C ALA B 86 -11.61 20.08 15.37
N TYR B 87 -11.53 21.30 14.82
CA TYR B 87 -11.05 22.47 15.61
C TYR B 87 -11.99 22.71 16.80
N ALA B 88 -13.31 22.59 16.62
CA ALA B 88 -14.32 22.72 17.70
C ALA B 88 -14.10 21.63 18.75
N HIS B 89 -13.74 20.42 18.32
CA HIS B 89 -13.43 19.28 19.22
C HIS B 89 -12.26 19.65 20.16
N LYS B 90 -11.22 20.30 19.63
CA LYS B 90 -10.02 20.71 20.41
C LYS B 90 -10.35 21.86 21.37
N ILE B 91 -11.21 22.80 20.96
CA ILE B 91 -11.70 23.91 21.84
C ILE B 91 -12.48 23.32 23.02
N LEU B 92 -13.29 22.28 22.77
CA LEU B 92 -14.14 21.67 23.83
C LEU B 92 -13.38 20.64 24.68
N THR B 93 -12.09 20.40 24.42
CA THR B 93 -11.28 19.37 25.12
C THR B 93 -9.94 19.96 25.57
N GLY B 94 -9.96 21.16 26.15
CA GLY B 94 -8.86 21.72 26.97
C GLY B 94 -7.73 22.31 26.15
N ARG B 95 -7.92 22.55 24.84
CA ARG B 95 -6.84 23.02 23.94
C ARG B 95 -7.19 24.36 23.27
N ARG B 96 -8.27 25.01 23.72
CA ARG B 96 -8.68 26.37 23.26
C ARG B 96 -7.50 27.35 23.26
N ASP B 97 -6.70 27.35 24.33
CA ASP B 97 -5.59 28.30 24.53
C ASP B 97 -4.41 27.93 23.62
N GLN B 98 -4.48 26.83 22.86
CA GLN B 98 -3.37 26.37 21.99
C GLN B 98 -3.70 26.51 20.50
N MET B 99 -4.95 26.88 20.18
CA MET B 99 -5.46 26.98 18.79
C MET B 99 -4.64 27.99 17.98
N ALA B 100 -4.12 29.05 18.60
CA ALA B 100 -3.31 30.09 17.90
C ALA B 100 -2.01 29.47 17.41
N ASP B 101 -1.57 28.36 18.01
CA ASP B 101 -0.29 27.69 17.70
C ASP B 101 -0.53 26.40 16.90
N ILE B 102 -1.72 26.23 16.31
CA ILE B 102 -2.05 24.96 15.61
C ILE B 102 -1.10 24.79 14.42
N LYS B 103 -0.47 23.61 14.28
CA LYS B 103 0.48 23.26 13.19
C LYS B 103 1.86 23.90 13.40
N LYS B 104 2.08 24.64 14.50
CA LYS B 104 3.39 25.29 14.78
C LYS B 104 4.21 24.40 15.73
N GLU B 105 5.52 24.53 15.69
CA GLU B 105 6.45 23.83 16.61
C GLU B 105 6.16 24.34 18.03
N GLY B 106 5.97 23.43 18.98
CA GLY B 106 5.56 23.78 20.36
C GLY B 106 4.06 24.00 20.48
N GLY B 107 3.30 23.85 19.40
CA GLY B 107 1.84 23.96 19.42
C GLY B 107 1.19 22.59 19.40
N ILE B 108 0.02 22.47 18.78
CA ILE B 108 -0.76 21.21 18.64
C ILE B 108 -0.88 20.90 17.15
N SER B 109 -1.21 19.64 16.82
CA SER B 109 -1.45 19.13 15.44
C SER B 109 -2.66 19.81 14.80
N GLY B 110 -2.68 19.96 13.47
CA GLY B 110 -3.89 20.36 12.71
C GLY B 110 -4.89 19.22 12.57
N PHE B 111 -4.52 18.02 13.01
CA PHE B 111 -5.38 16.80 13.00
C PHE B 111 -5.46 16.29 14.44
N THR B 112 -6.36 15.36 14.74
CA THR B 112 -6.36 14.68 16.06
C THR B 112 -5.07 13.85 16.16
N LYS B 113 -4.51 13.75 17.36
CA LYS B 113 -3.30 12.95 17.62
C LYS B 113 -3.47 12.30 19.01
N VAL B 114 -3.38 10.97 19.07
CA VAL B 114 -3.62 10.16 20.32
C VAL B 114 -2.75 10.69 21.46
N SER B 115 -1.49 11.06 21.19
CA SER B 115 -0.47 11.46 22.19
C SER B 115 -0.67 12.91 22.67
N GLU B 116 -1.55 13.67 22.03
CA GLU B 116 -1.84 15.10 22.35
C GLU B 116 -2.96 15.20 23.39
N SER B 117 -3.96 14.32 23.32
CA SER B 117 -5.13 14.31 24.25
C SER B 117 -5.72 12.91 24.36
N GLU B 118 -6.22 12.56 25.55
CA GLU B 118 -7.04 11.34 25.78
C GLU B 118 -8.36 11.46 24.99
N HIS B 119 -8.76 12.66 24.56
CA HIS B 119 -9.99 12.91 23.77
C HIS B 119 -9.77 12.61 22.27
N ASP B 120 -8.51 12.44 21.84
CA ASP B 120 -8.17 12.11 20.43
C ASP B 120 -8.07 10.59 20.28
N ALA B 121 -9.10 9.95 19.71
CA ALA B 121 -9.20 8.47 19.67
C ALA B 121 -8.24 7.89 18.63
N ILE B 122 -7.98 8.59 17.54
CA ILE B 122 -7.03 8.14 16.49
C ILE B 122 -6.15 9.31 16.06
N THR B 123 -4.93 8.99 15.64
CA THR B 123 -4.01 9.87 14.89
C THR B 123 -4.33 9.73 13.40
N VAL B 124 -4.80 10.80 12.78
CA VAL B 124 -5.29 10.79 11.38
C VAL B 124 -4.60 11.92 10.63
N GLY B 125 -4.77 11.93 9.32
CA GLY B 125 -4.15 12.88 8.37
C GLY B 125 -4.46 12.40 6.97
N HIS B 126 -4.11 11.15 6.69
CA HIS B 126 -4.65 10.34 5.58
C HIS B 126 -6.13 10.11 5.84
N ALA B 127 -6.96 10.17 4.79
CA ALA B 127 -8.43 10.06 4.83
C ALA B 127 -8.88 8.60 4.84
N SER B 128 -10.10 8.37 5.33
CA SER B 128 -10.88 7.11 5.20
C SER B 128 -10.45 6.04 6.22
N THR B 129 -9.69 6.37 7.28
CA THR B 129 -9.20 5.37 8.27
C THR B 129 -10.17 5.24 9.45
N SER B 130 -11.11 6.17 9.63
CA SER B 130 -11.95 6.25 10.86
C SER B 130 -12.75 4.95 11.03
N LEU B 131 -13.35 4.44 9.95
CA LEU B 131 -14.32 3.30 10.02
C LEU B 131 -13.61 2.02 10.47
N ALA B 132 -12.46 1.70 9.87
CA ALA B 132 -11.67 0.51 10.25
C ALA B 132 -11.22 0.64 11.71
N ASN B 133 -10.65 1.79 12.11
CA ASN B 133 -10.27 2.04 13.51
C ASN B 133 -11.51 1.81 14.38
N ALA B 134 -12.64 2.42 14.02
CA ALA B 134 -13.91 2.31 14.80
C ALA B 134 -14.26 0.85 15.01
N LEU B 135 -14.19 0.03 13.95
CA LEU B 135 -14.49 -1.42 13.99
C LEU B 135 -13.59 -2.10 15.02
N GLY B 136 -12.28 -1.85 14.96
CA GLY B 136 -11.29 -2.40 15.92
C GLY B 136 -11.68 -2.04 17.35
N MET B 137 -12.10 -0.80 17.58
CA MET B 137 -12.46 -0.35 18.95
C MET B 137 -13.74 -1.03 19.41
N ALA B 138 -14.74 -1.17 18.54
CA ALA B 138 -16.01 -1.88 18.83
C ALA B 138 -15.72 -3.35 19.16
N LEU B 139 -14.93 -4.04 18.33
CA LEU B 139 -14.61 -5.47 18.54
C LEU B 139 -13.84 -5.63 19.87
N ALA B 140 -12.92 -4.72 20.17
CA ALA B 140 -12.10 -4.75 21.40
C ALA B 140 -12.99 -4.49 22.63
N ARG B 141 -13.92 -3.53 22.51
CA ARG B 141 -14.93 -3.21 23.55
C ARG B 141 -15.74 -4.46 23.89
N ASP B 142 -16.31 -5.13 22.88
CA ASP B 142 -17.19 -6.31 23.00
C ASP B 142 -16.39 -7.45 23.65
N ALA B 143 -15.15 -7.66 23.23
CA ALA B 143 -14.22 -8.68 23.79
C ALA B 143 -13.99 -8.43 25.28
N GLN B 144 -13.93 -7.17 25.73
CA GLN B 144 -13.63 -6.78 27.13
C GLN B 144 -14.93 -6.70 27.95
N GLY B 145 -16.09 -7.00 27.34
CA GLY B 145 -17.42 -6.88 27.96
C GLY B 145 -17.78 -5.46 28.36
N LYS B 146 -17.15 -4.44 27.75
CA LYS B 146 -17.40 -3.00 28.08
C LYS B 146 -18.57 -2.50 27.22
N ASP B 147 -19.09 -1.30 27.50
CA ASP B 147 -20.40 -0.85 26.98
C ASP B 147 -20.31 0.55 26.34
N PHE B 148 -19.13 1.18 26.31
CA PHE B 148 -18.93 2.58 25.83
C PHE B 148 -19.35 2.67 24.35
N HIS B 149 -19.58 3.90 23.88
CA HIS B 149 -20.00 4.18 22.49
C HIS B 149 -18.78 4.51 21.65
N VAL B 150 -18.79 4.02 20.42
CA VAL B 150 -17.82 4.35 19.34
C VAL B 150 -18.61 5.10 18.28
N ALA B 151 -18.24 6.37 18.05
CA ALA B 151 -18.81 7.25 17.01
C ALA B 151 -17.70 7.76 16.10
N ALA B 152 -17.81 7.53 14.79
CA ALA B 152 -16.88 8.04 13.75
C ALA B 152 -17.58 9.16 12.96
N VAL B 153 -16.90 10.28 12.76
CA VAL B 153 -17.35 11.42 11.90
C VAL B 153 -16.54 11.38 10.61
N ILE B 154 -17.20 11.12 9.49
CA ILE B 154 -16.55 10.96 8.15
C ILE B 154 -17.25 11.86 7.13
N GLY B 155 -16.46 12.59 6.36
CA GLY B 155 -16.96 13.43 5.25
C GLY B 155 -17.36 12.56 4.07
N ASP B 156 -18.24 13.09 3.21
CA ASP B 156 -18.76 12.46 1.98
C ASP B 156 -17.59 12.09 1.05
N GLY B 157 -16.60 12.96 0.92
CA GLY B 157 -15.35 12.68 0.17
C GLY B 157 -14.62 11.48 0.75
N SER B 158 -14.33 11.49 2.05
CA SER B 158 -13.59 10.40 2.76
C SER B 158 -14.34 9.07 2.62
N LEU B 159 -15.68 9.08 2.57
CA LEU B 159 -16.51 7.84 2.55
C LEU B 159 -16.37 7.13 1.19
N THR B 160 -15.93 7.82 0.13
CA THR B 160 -15.67 7.23 -1.22
C THR B 160 -14.27 6.60 -1.32
N GLY B 161 -13.44 6.71 -0.28
CA GLY B 161 -12.13 6.04 -0.21
C GLY B 161 -12.29 4.54 -0.12
N GLY B 162 -11.42 3.77 -0.80
CA GLY B 162 -11.48 2.29 -0.81
C GLY B 162 -11.61 1.72 0.59
N MET B 163 -10.75 2.14 1.52
CA MET B 163 -10.69 1.45 2.84
C MET B 163 -11.88 1.89 3.72
N ALA B 164 -12.58 2.99 3.41
CA ALA B 164 -13.83 3.35 4.13
C ALA B 164 -14.96 2.43 3.64
N LEU B 165 -15.10 2.30 2.33
CA LEU B 165 -16.19 1.47 1.73
C LEU B 165 -15.98 0.00 2.11
N ALA B 166 -14.74 -0.51 2.02
CA ALA B 166 -14.44 -1.91 2.38
C ALA B 166 -14.75 -2.13 3.86
N ALA B 167 -14.38 -1.18 4.71
CA ALA B 167 -14.64 -1.24 6.16
C ALA B 167 -16.15 -1.20 6.43
N LEU B 168 -16.91 -0.43 5.65
CA LEU B 168 -18.38 -0.28 5.88
C LEU B 168 -19.02 -1.65 5.65
N ASN B 169 -18.68 -2.30 4.54
CA ASN B 169 -19.10 -3.68 4.21
C ASN B 169 -18.87 -4.58 5.42
N THR B 170 -17.68 -4.57 6.00
CA THR B 170 -17.31 -5.44 7.15
C THR B 170 -18.15 -5.06 8.37
N ILE B 171 -18.32 -3.75 8.64
CA ILE B 171 -19.11 -3.21 9.78
C ILE B 171 -20.56 -3.74 9.65
N GLY B 172 -21.11 -3.73 8.43
CA GLY B 172 -22.37 -4.42 8.08
C GLY B 172 -22.36 -5.88 8.48
N ASP B 173 -21.41 -6.66 7.97
CA ASP B 173 -21.31 -8.13 8.20
C ASP B 173 -21.17 -8.44 9.69
N MET B 174 -20.47 -7.59 10.45
CA MET B 174 -20.13 -7.84 11.88
C MET B 174 -21.30 -7.48 12.82
N GLY B 175 -22.18 -6.54 12.43
CA GLY B 175 -23.42 -6.18 13.15
C GLY B 175 -23.20 -5.63 14.55
N ARG B 176 -22.04 -5.04 14.84
CA ARG B 176 -21.69 -4.52 16.18
C ARG B 176 -22.23 -3.10 16.35
N LYS B 177 -22.52 -2.73 17.60
CA LYS B 177 -22.98 -1.37 18.00
C LYS B 177 -21.90 -0.33 17.66
N MET B 178 -22.25 0.63 16.80
CA MET B 178 -21.43 1.85 16.55
C MET B 178 -22.26 2.87 15.76
N LEU B 179 -21.89 4.14 15.89
CA LEU B 179 -22.52 5.25 15.13
C LEU B 179 -21.50 5.80 14.13
N ILE B 180 -21.88 5.92 12.88
CA ILE B 180 -21.11 6.64 11.82
C ILE B 180 -21.90 7.89 11.47
N VAL B 181 -21.33 9.08 11.68
CA VAL B 181 -21.91 10.36 11.21
C VAL B 181 -21.33 10.65 9.82
N LEU B 182 -22.13 10.54 8.78
CA LEU B 182 -21.77 10.95 7.40
C LEU B 182 -22.02 12.46 7.30
N ASN B 183 -20.93 13.23 7.29
CA ASN B 183 -20.92 14.72 7.22
C ASN B 183 -20.84 15.16 5.74
N ASP B 184 -22.01 15.31 5.12
CA ASP B 184 -22.18 15.63 3.67
C ASP B 184 -22.34 17.15 3.49
N ASN B 185 -21.41 17.80 2.78
CA ASN B 185 -21.51 19.25 2.45
C ASN B 185 -21.48 19.47 0.92
N GLU B 186 -21.96 18.50 0.13
CA GLU B 186 -22.11 18.63 -1.36
C GLU B 186 -23.57 18.80 -1.75
N MET B 187 -24.53 18.32 -0.94
CA MET B 187 -26.00 18.44 -1.22
C MET B 187 -26.45 19.89 -0.99
N ASN B 211 -24.23 3.08 -1.16
CA ASN B 211 -24.50 2.14 -2.28
C ASN B 211 -24.62 0.71 -1.74
N PRO B 212 -25.36 -0.19 -2.43
CA PRO B 212 -25.74 -1.49 -1.86
C PRO B 212 -24.61 -2.53 -1.65
N PHE B 213 -23.45 -2.37 -2.29
CA PHE B 213 -22.31 -3.32 -2.18
C PHE B 213 -21.48 -3.01 -0.94
N ALA B 214 -21.59 -1.79 -0.41
CA ALA B 214 -20.83 -1.30 0.77
C ALA B 214 -21.71 -1.32 2.05
N ALA B 215 -23.02 -1.06 1.95
CA ALA B 215 -23.84 -0.53 3.07
C ALA B 215 -24.98 -1.47 3.51
N MET B 216 -24.97 -2.75 3.10
CA MET B 216 -25.96 -3.75 3.60
C MET B 216 -25.64 -4.10 5.06
N GLY B 217 -26.68 -4.16 5.91
CA GLY B 217 -26.57 -4.48 7.35
C GLY B 217 -26.51 -3.22 8.19
N VAL B 218 -26.58 -2.06 7.54
CA VAL B 218 -26.35 -0.73 8.17
C VAL B 218 -27.65 0.08 8.16
N ARG B 219 -28.24 0.28 9.33
CA ARG B 219 -29.38 1.19 9.55
C ARG B 219 -29.00 2.61 9.11
N TYR B 220 -29.63 3.11 8.04
CA TYR B 220 -29.43 4.47 7.49
C TYR B 220 -30.48 5.42 8.10
N VAL B 221 -30.04 6.59 8.57
CA VAL B 221 -30.92 7.63 9.17
C VAL B 221 -30.57 8.98 8.51
N GLY B 222 -31.56 9.61 7.86
CA GLY B 222 -31.47 10.98 7.34
C GLY B 222 -31.83 11.02 5.86
N PRO B 223 -31.44 12.08 5.10
CA PRO B 223 -30.64 13.20 5.63
C PRO B 223 -31.33 14.04 6.71
N VAL B 224 -30.52 14.79 7.48
CA VAL B 224 -30.97 15.66 8.60
C VAL B 224 -30.11 16.93 8.57
N ASP B 225 -30.65 18.04 9.08
CA ASP B 225 -29.98 19.37 9.11
C ASP B 225 -28.76 19.27 10.05
N GLY B 226 -27.57 19.51 9.51
CA GLY B 226 -26.30 19.35 10.23
C GLY B 226 -25.97 20.57 11.09
N HIS B 227 -26.75 21.65 10.98
CA HIS B 227 -26.48 22.91 11.73
C HIS B 227 -27.54 23.17 12.81
N ASN B 228 -28.41 22.19 13.08
CA ASN B 228 -29.47 22.27 14.12
C ASN B 228 -29.02 21.46 15.35
N VAL B 229 -28.29 22.12 16.24
CA VAL B 229 -27.55 21.47 17.36
C VAL B 229 -28.52 20.83 18.36
N GLN B 230 -29.75 21.34 18.51
CA GLN B 230 -30.77 20.76 19.42
C GLN B 230 -31.41 19.51 18.78
N GLU B 231 -31.83 19.57 17.51
CA GLU B 231 -32.42 18.40 16.81
C GLU B 231 -31.38 17.28 16.68
N LEU B 232 -30.08 17.63 16.60
CA LEU B 232 -28.97 16.64 16.51
C LEU B 232 -28.78 15.97 17.88
N VAL B 233 -28.83 16.75 18.97
CA VAL B 233 -28.76 16.20 20.36
C VAL B 233 -29.95 15.27 20.58
N TRP B 234 -31.15 15.70 20.18
CA TRP B 234 -32.41 14.90 20.23
C TRP B 234 -32.18 13.55 19.55
N LEU B 235 -31.79 13.57 18.27
CA LEU B 235 -31.68 12.39 17.37
C LEU B 235 -30.57 11.43 17.88
N LEU B 236 -29.45 11.96 18.37
CA LEU B 236 -28.29 11.14 18.84
C LEU B 236 -28.68 10.37 20.10
N GLU B 237 -29.41 11.00 21.03
CA GLU B 237 -29.87 10.33 22.28
C GLU B 237 -30.73 9.12 21.90
N ARG B 238 -31.41 9.13 20.75
CA ARG B 238 -32.17 7.98 20.21
C ARG B 238 -31.21 6.92 19.64
N LEU B 239 -30.32 7.33 18.72
CA LEU B 239 -29.53 6.41 17.85
C LEU B 239 -28.45 5.67 18.65
N VAL B 240 -27.86 6.33 19.64
CA VAL B 240 -26.63 5.91 20.36
C VAL B 240 -26.83 4.54 21.03
N ASP B 241 -28.05 4.23 21.48
CA ASP B 241 -28.35 3.02 22.30
C ASP B 241 -28.87 1.87 21.42
N LEU B 242 -29.16 2.10 20.13
CA LEU B 242 -29.70 1.06 19.21
C LEU B 242 -28.67 -0.06 19.01
N ASP B 243 -29.13 -1.23 18.60
CA ASP B 243 -28.29 -2.41 18.29
C ASP B 243 -27.72 -2.27 16.86
N GLY B 244 -26.55 -2.86 16.60
CA GLY B 244 -25.97 -2.91 15.25
C GLY B 244 -25.52 -1.53 14.78
N PRO B 245 -24.86 -1.45 13.60
CA PRO B 245 -24.28 -0.19 13.14
C PRO B 245 -25.32 0.77 12.54
N THR B 246 -25.18 2.07 12.83
CA THR B 246 -26.05 3.15 12.28
C THR B 246 -25.17 4.13 11.50
N ILE B 247 -25.59 4.53 10.31
CA ILE B 247 -25.12 5.78 9.62
C ILE B 247 -26.13 6.89 9.89
N LEU B 248 -25.71 7.99 10.52
CA LEU B 248 -26.48 9.26 10.57
C LEU B 248 -26.00 10.19 9.44
N HIS B 249 -26.84 10.41 8.42
CA HIS B 249 -26.55 11.31 7.27
C HIS B 249 -26.93 12.73 7.65
N ILE B 250 -25.94 13.58 7.92
CA ILE B 250 -26.15 15.03 8.17
C ILE B 250 -25.70 15.81 6.94
N VAL B 251 -26.37 16.94 6.68
CA VAL B 251 -26.05 17.89 5.58
C VAL B 251 -25.55 19.18 6.21
N THR B 252 -24.40 19.66 5.76
CA THR B 252 -23.69 20.83 6.33
C THR B 252 -23.31 21.77 5.19
N THR B 253 -23.24 23.05 5.46
CA THR B 253 -22.70 24.09 4.56
C THR B 253 -21.20 24.22 4.86
N LYS B 254 -20.37 24.10 3.82
CA LYS B 254 -18.92 24.34 3.95
C LYS B 254 -18.71 25.82 4.29
N GLY B 255 -17.98 26.09 5.38
CA GLY B 255 -17.51 27.43 5.77
C GLY B 255 -18.62 28.31 6.34
N LYS B 256 -19.55 27.73 7.09
CA LYS B 256 -20.68 28.46 7.75
C LYS B 256 -20.11 29.51 8.72
N GLY B 257 -20.22 30.79 8.35
CA GLY B 257 -19.69 31.95 9.11
C GLY B 257 -18.98 32.95 8.21
N SER B 285 6.36 36.66 -6.94
CA SER B 285 7.48 36.39 -6.00
C SER B 285 7.50 34.91 -5.58
N ALA B 286 6.33 34.24 -5.51
CA ALA B 286 6.17 32.82 -5.09
C ALA B 286 5.78 31.95 -6.31
N TYR B 287 6.76 31.30 -6.94
CA TYR B 287 6.59 30.40 -8.12
C TYR B 287 6.90 28.94 -7.72
N SER B 288 5.85 28.18 -7.43
CA SER B 288 5.95 26.87 -6.74
C SER B 288 6.39 25.81 -7.75
N TRP B 289 6.99 24.75 -7.24
CA TRP B 289 7.26 23.52 -8.02
C TRP B 289 5.96 23.03 -8.66
N SER B 290 4.84 23.06 -7.93
CA SER B 290 3.48 22.68 -8.40
C SER B 290 3.13 23.46 -9.68
N ALA B 291 3.34 24.78 -9.64
CA ALA B 291 3.14 25.72 -10.77
C ALA B 291 4.12 25.38 -11.90
N ALA B 292 5.38 25.10 -11.60
CA ALA B 292 6.40 24.77 -12.62
C ALA B 292 5.96 23.50 -13.36
N PHE B 293 5.43 22.52 -12.62
CA PHE B 293 4.92 21.24 -13.18
C PHE B 293 3.69 21.52 -14.03
N GLY B 294 2.69 22.19 -13.43
CA GLY B 294 1.43 22.59 -14.09
C GLY B 294 1.70 23.21 -15.45
N GLU B 295 2.68 24.11 -15.53
CA GLU B 295 3.07 24.87 -16.75
C GLU B 295 3.76 23.91 -17.73
N ALA B 296 4.66 23.04 -17.27
CA ALA B 296 5.39 22.09 -18.13
C ALA B 296 4.42 21.09 -18.79
N VAL B 297 3.51 20.48 -18.01
CA VAL B 297 2.63 19.40 -18.53
C VAL B 297 1.56 20.03 -19.44
N THR B 298 1.05 21.21 -19.08
CA THR B 298 0.11 22.00 -19.91
C THR B 298 0.73 22.26 -21.29
N GLU B 299 2.00 22.64 -21.30
CA GLU B 299 2.77 22.92 -22.53
C GLU B 299 2.97 21.61 -23.30
N TRP B 300 3.32 20.54 -22.58
CA TRP B 300 3.64 19.21 -23.18
C TRP B 300 2.44 18.63 -23.92
N ALA B 301 1.25 18.72 -23.31
CA ALA B 301 -0.01 18.13 -23.81
C ALA B 301 -0.36 18.76 -25.17
N LYS B 302 -0.02 20.03 -25.38
CA LYS B 302 -0.31 20.78 -26.63
C LYS B 302 0.25 20.02 -27.84
N THR B 303 1.41 19.37 -27.72
CA THR B 303 2.05 18.61 -28.83
C THR B 303 2.19 17.11 -28.53
N ASP B 304 1.50 16.59 -27.50
CA ASP B 304 1.39 15.13 -27.22
C ASP B 304 -0.06 14.81 -26.88
N PRO B 305 -0.85 14.33 -27.86
CA PRO B 305 -2.25 14.00 -27.62
C PRO B 305 -2.44 12.67 -26.87
N ARG B 306 -1.36 11.97 -26.56
CA ARG B 306 -1.40 10.71 -25.75
C ARG B 306 -1.27 11.05 -24.26
N THR B 307 -0.79 12.25 -23.91
CA THR B 307 -0.60 12.68 -22.51
C THR B 307 -1.97 12.89 -21.87
N PHE B 308 -2.19 12.26 -20.72
CA PHE B 308 -3.44 12.29 -19.92
C PHE B 308 -3.00 12.47 -18.47
N VAL B 309 -3.46 13.50 -17.76
CA VAL B 309 -3.03 13.76 -16.36
C VAL B 309 -4.15 13.28 -15.42
N VAL B 310 -3.80 12.40 -14.48
CA VAL B 310 -4.72 11.83 -13.47
C VAL B 310 -4.34 12.39 -12.10
N THR B 311 -5.29 12.95 -11.34
CA THR B 311 -5.08 13.38 -9.94
C THR B 311 -6.13 12.67 -9.08
N PRO B 312 -5.76 12.24 -7.86
CA PRO B 312 -6.72 11.85 -6.84
C PRO B 312 -7.23 13.06 -6.04
N ALA B 313 -8.11 13.85 -6.67
CA ALA B 313 -8.84 14.99 -6.06
C ALA B 313 -7.88 15.99 -5.39
N MET B 314 -6.72 16.26 -6.01
CA MET B 314 -5.76 17.27 -5.50
C MET B 314 -5.34 18.18 -6.66
N ARG B 315 -6.32 18.65 -7.42
CA ARG B 315 -6.12 19.48 -8.64
C ARG B 315 -5.35 20.76 -8.31
N GLU B 316 -5.77 21.52 -7.29
CA GLU B 316 -5.17 22.84 -6.97
C GLU B 316 -3.79 22.62 -6.35
N GLY B 317 -3.68 21.72 -5.37
CA GLY B 317 -2.42 21.33 -4.73
C GLY B 317 -1.35 20.97 -5.74
N SER B 318 -1.67 20.10 -6.71
CA SER B 318 -0.71 19.56 -7.70
C SER B 318 -0.48 20.58 -8.83
N GLY B 319 -1.22 21.71 -8.80
CA GLY B 319 -1.02 22.84 -9.74
C GLY B 319 -1.58 22.54 -11.12
N LEU B 320 -2.80 21.98 -11.19
CA LEU B 320 -3.43 21.49 -12.44
C LEU B 320 -4.72 22.27 -12.74
N VAL B 321 -4.96 23.42 -12.09
CA VAL B 321 -6.12 24.33 -12.37
C VAL B 321 -6.08 24.70 -13.86
N GLU B 322 -5.01 25.33 -14.31
CA GLU B 322 -4.86 25.76 -15.74
C GLU B 322 -4.96 24.53 -16.66
N PHE B 323 -4.29 23.42 -16.33
CA PHE B 323 -4.33 22.16 -17.12
C PHE B 323 -5.78 21.69 -17.30
N SER B 324 -6.60 21.75 -16.24
CA SER B 324 -8.02 21.28 -16.25
C SER B 324 -8.84 22.13 -17.24
N ARG B 325 -8.50 23.41 -17.37
CA ARG B 325 -9.27 24.39 -18.19
C ARG B 325 -8.79 24.32 -19.65
N VAL B 326 -7.49 24.16 -19.88
CA VAL B 326 -6.92 24.13 -21.25
C VAL B 326 -7.16 22.76 -21.88
N HIS B 327 -6.96 21.66 -21.14
CA HIS B 327 -7.03 20.27 -21.67
C HIS B 327 -8.07 19.45 -20.93
N PRO B 328 -9.36 19.87 -20.91
CA PRO B 328 -10.38 19.16 -20.13
C PRO B 328 -10.60 17.73 -20.62
N HIS B 329 -10.29 17.49 -21.90
N HIS B 329 -10.28 17.44 -21.89
CA HIS B 329 -10.34 16.19 -22.61
CA HIS B 329 -10.41 16.10 -22.51
C HIS B 329 -9.19 15.26 -22.19
C HIS B 329 -9.16 15.25 -22.23
N ARG B 330 -8.17 15.78 -21.50
CA ARG B 330 -6.94 15.01 -21.12
C ARG B 330 -6.65 15.11 -19.62
N TYR B 331 -7.71 15.29 -18.82
CA TYR B 331 -7.65 15.54 -17.37
C TYR B 331 -8.69 14.65 -16.69
N LEU B 332 -8.25 13.87 -15.70
CA LEU B 332 -9.12 12.96 -14.93
C LEU B 332 -8.88 13.21 -13.44
N ASP B 333 -9.93 13.64 -12.75
CA ASP B 333 -10.05 13.63 -11.28
C ASP B 333 -10.83 12.37 -10.92
N VAL B 334 -10.15 11.35 -10.39
CA VAL B 334 -10.73 10.00 -10.11
C VAL B 334 -11.44 10.01 -8.76
N GLY B 335 -11.45 11.15 -8.05
CA GLY B 335 -11.85 11.21 -6.63
C GLY B 335 -10.65 10.97 -5.73
N ILE B 336 -10.87 10.77 -4.44
CA ILE B 336 -9.80 10.82 -3.41
C ILE B 336 -8.89 9.58 -3.48
N ALA B 337 -9.29 8.50 -4.18
CA ALA B 337 -8.65 7.17 -4.10
C ALA B 337 -7.39 7.09 -4.97
N GLU B 338 -6.21 7.18 -4.36
CA GLU B 338 -4.88 7.09 -5.01
C GLU B 338 -4.76 5.76 -5.76
N GLU B 339 -5.34 4.69 -5.21
CA GLU B 339 -5.27 3.31 -5.75
C GLU B 339 -5.99 3.28 -7.11
N VAL B 340 -7.11 3.99 -7.23
CA VAL B 340 -7.89 4.11 -8.48
C VAL B 340 -7.09 4.93 -9.49
N ALA B 341 -6.47 6.03 -9.05
CA ALA B 341 -5.67 6.93 -9.92
C ALA B 341 -4.57 6.12 -10.62
N VAL B 342 -3.83 5.28 -9.89
CA VAL B 342 -2.66 4.55 -10.44
C VAL B 342 -3.12 3.40 -11.35
N THR B 343 -4.13 2.63 -10.95
CA THR B 343 -4.60 1.47 -11.75
C THR B 343 -5.34 2.00 -12.98
N THR B 344 -6.07 3.11 -12.88
CA THR B 344 -6.70 3.77 -14.06
C THR B 344 -5.61 4.20 -15.04
N ALA B 345 -4.55 4.86 -14.57
CA ALA B 345 -3.41 5.24 -15.41
C ALA B 345 -2.84 3.98 -16.10
N ALA B 346 -2.75 2.85 -15.39
CA ALA B 346 -2.24 1.58 -15.95
C ALA B 346 -3.15 1.15 -17.11
N GLY B 347 -4.47 1.19 -16.93
CA GLY B 347 -5.40 0.81 -18.01
C GLY B 347 -5.21 1.68 -19.25
N MET B 348 -4.93 2.97 -19.05
CA MET B 348 -4.73 3.96 -20.15
C MET B 348 -3.43 3.63 -20.89
N ALA B 349 -2.39 3.24 -20.16
CA ALA B 349 -1.06 2.93 -20.73
C ALA B 349 -1.17 1.64 -21.56
N LEU B 350 -1.93 0.66 -21.08
CA LEU B 350 -2.23 -0.60 -21.81
C LEU B 350 -2.95 -0.32 -23.15
N GLN B 351 -3.70 0.78 -23.25
CA GLN B 351 -4.41 1.20 -24.50
C GLN B 351 -3.61 2.25 -25.28
N GLY B 352 -2.29 2.36 -25.04
CA GLY B 352 -1.38 3.18 -25.87
C GLY B 352 -1.29 4.64 -25.45
N MET B 353 -1.86 5.06 -24.31
CA MET B 353 -1.72 6.47 -23.86
C MET B 353 -0.42 6.63 -23.04
N ARG B 354 -0.06 7.87 -22.74
CA ARG B 354 1.11 8.27 -21.90
C ARG B 354 0.58 8.98 -20.65
N PRO B 355 -0.08 8.27 -19.72
CA PRO B 355 -0.64 8.90 -18.55
C PRO B 355 0.44 9.43 -17.60
N VAL B 356 0.11 10.52 -16.92
CA VAL B 356 0.90 11.16 -15.84
C VAL B 356 0.02 11.13 -14.60
N VAL B 357 0.47 10.48 -13.54
CA VAL B 357 -0.22 10.52 -12.23
C VAL B 357 0.46 11.64 -11.44
N ALA B 358 -0.31 12.68 -11.11
CA ALA B 358 0.09 13.79 -10.23
C ALA B 358 -0.36 13.42 -8.82
N ILE B 359 0.58 13.24 -7.89
CA ILE B 359 0.26 12.70 -6.54
C ILE B 359 1.32 13.20 -5.55
N TYR B 360 0.92 13.52 -4.32
CA TYR B 360 1.83 13.84 -3.19
C TYR B 360 2.59 12.57 -2.76
N SER B 361 3.87 12.71 -2.41
CA SER B 361 4.70 11.58 -1.90
C SER B 361 3.94 10.81 -0.81
N THR B 362 3.36 11.50 0.16
CA THR B 362 2.70 10.86 1.32
C THR B 362 1.49 10.05 0.84
N PHE B 363 0.76 10.52 -0.18
CA PHE B 363 -0.52 9.91 -0.66
C PHE B 363 -0.20 8.74 -1.60
N LEU B 364 0.93 8.78 -2.30
CA LEU B 364 1.41 7.69 -3.19
C LEU B 364 1.65 6.40 -2.36
N GLN B 365 1.91 6.52 -1.06
CA GLN B 365 1.99 5.36 -0.10
C GLN B 365 0.75 4.47 -0.22
N ARG B 366 -0.43 5.07 -0.44
CA ARG B 366 -1.71 4.33 -0.53
C ARG B 366 -1.73 3.44 -1.78
N ALA B 367 -0.86 3.69 -2.75
CA ALA B 367 -0.91 3.04 -4.07
C ALA B 367 0.34 2.20 -4.32
N TYR B 368 1.09 1.87 -3.27
CA TYR B 368 2.36 1.09 -3.38
C TYR B 368 2.09 -0.17 -4.21
N ASP B 369 1.11 -0.97 -3.81
CA ASP B 369 0.84 -2.27 -4.49
C ASP B 369 0.37 -2.03 -5.92
N GLN B 370 -0.31 -0.90 -6.18
CA GLN B 370 -0.82 -0.56 -7.54
C GLN B 370 0.39 -0.22 -8.42
N VAL B 371 1.36 0.54 -7.90
CA VAL B 371 2.61 0.83 -8.67
C VAL B 371 3.31 -0.49 -8.99
N LEU B 372 3.51 -1.32 -7.99
CA LEU B 372 4.27 -2.58 -8.11
C LEU B 372 3.53 -3.54 -9.04
N HIS B 373 2.30 -3.91 -8.69
CA HIS B 373 1.52 -5.01 -9.32
C HIS B 373 0.95 -4.55 -10.67
N ASP B 374 0.32 -3.38 -10.74
CA ASP B 374 -0.50 -2.99 -11.93
C ASP B 374 0.34 -2.19 -12.94
N VAL B 375 1.45 -1.59 -12.52
CA VAL B 375 2.31 -0.78 -13.43
C VAL B 375 3.63 -1.48 -13.73
N ALA B 376 4.36 -1.92 -12.70
CA ALA B 376 5.76 -2.35 -12.85
C ALA B 376 5.85 -3.75 -13.48
N ILE B 377 4.91 -4.65 -13.20
CA ILE B 377 5.01 -6.07 -13.68
C ILE B 377 5.03 -6.08 -15.21
N GLU B 378 4.21 -5.27 -15.90
CA GLU B 378 4.25 -5.20 -17.39
C GLU B 378 5.03 -3.96 -17.87
N HIS B 379 5.81 -3.31 -17.01
CA HIS B 379 6.71 -2.18 -17.36
C HIS B 379 5.92 -1.12 -18.14
N LEU B 380 4.79 -0.64 -17.62
CA LEU B 380 3.86 0.25 -18.34
C LEU B 380 4.32 1.71 -18.29
N ASN B 381 3.83 2.50 -19.25
CA ASN B 381 4.16 3.92 -19.49
C ASN B 381 3.37 4.83 -18.55
N VAL B 382 3.54 4.66 -17.23
CA VAL B 382 3.02 5.65 -16.24
C VAL B 382 4.17 6.50 -15.72
N THR B 383 4.02 7.81 -15.84
CA THR B 383 4.93 8.83 -15.28
C THR B 383 4.31 9.29 -13.98
N PHE B 384 5.08 9.31 -12.90
CA PHE B 384 4.64 9.83 -11.59
C PHE B 384 5.34 11.16 -11.34
N CYS B 385 4.55 12.23 -11.27
CA CYS B 385 5.01 13.57 -10.84
C CYS B 385 4.59 13.73 -9.37
N ILE B 386 5.55 13.54 -8.48
CA ILE B 386 5.35 13.40 -7.02
C ILE B 386 5.71 14.74 -6.38
N ASP B 387 4.68 15.46 -5.94
CA ASP B 387 4.74 16.76 -5.23
C ASP B 387 4.87 16.49 -3.72
N ARG B 388 5.19 17.52 -2.93
CA ARG B 388 5.34 17.40 -1.46
C ARG B 388 6.31 16.26 -1.15
N ALA B 389 7.40 16.19 -1.90
CA ALA B 389 8.49 15.20 -1.69
C ALA B 389 9.34 15.70 -0.52
N GLY B 390 9.66 14.81 0.42
CA GLY B 390 10.43 15.17 1.62
C GLY B 390 9.53 15.79 2.66
N ILE B 391 10.13 16.49 3.62
CA ILE B 391 9.45 17.16 4.76
C ILE B 391 8.56 18.24 4.19
N VAL B 392 7.28 18.23 4.55
CA VAL B 392 6.29 19.28 4.19
C VAL B 392 6.15 20.22 5.41
N GLY B 393 6.55 19.77 6.59
CA GLY B 393 6.69 20.60 7.79
C GLY B 393 5.40 20.68 8.61
N ALA B 394 4.62 21.74 8.44
CA ALA B 394 3.44 22.08 9.27
C ALA B 394 2.51 20.87 9.43
N ASP B 395 2.21 20.14 8.36
CA ASP B 395 1.21 19.04 8.38
C ASP B 395 1.73 17.83 9.15
N GLY B 396 3.03 17.74 9.44
CA GLY B 396 3.59 16.77 10.41
C GLY B 396 3.63 15.34 9.90
N ALA B 397 3.62 14.37 10.81
CA ALA B 397 4.09 12.98 10.60
C ALA B 397 3.19 12.23 9.62
N THR B 398 1.90 12.58 9.54
CA THR B 398 0.95 11.91 8.61
C THR B 398 1.19 12.35 7.17
N HIS B 399 1.82 13.51 6.91
CA HIS B 399 1.97 14.09 5.54
C HIS B 399 3.43 14.20 5.07
N ASN B 400 4.43 13.99 5.94
CA ASN B 400 5.85 14.14 5.54
C ASN B 400 6.17 13.02 4.53
N GLY B 401 6.52 13.39 3.30
CA GLY B 401 6.79 12.46 2.19
C GLY B 401 8.24 12.03 2.15
N VAL B 402 8.71 11.31 3.16
CA VAL B 402 10.15 10.98 3.30
C VAL B 402 10.39 9.48 3.07
N PHE B 403 9.47 8.78 2.41
CA PHE B 403 9.59 7.31 2.18
C PHE B 403 9.72 6.95 0.69
N ASP B 404 9.42 7.85 -0.25
CA ASP B 404 9.24 7.48 -1.69
C ASP B 404 10.55 6.93 -2.30
N LEU B 405 11.70 7.49 -1.93
CA LEU B 405 13.00 7.01 -2.47
C LEU B 405 13.31 5.61 -1.96
N SER B 406 12.69 5.22 -0.83
CA SER B 406 12.89 3.88 -0.23
C SER B 406 11.89 2.92 -0.89
N PHE B 407 10.58 3.18 -0.82
CA PHE B 407 9.58 2.20 -1.31
C PHE B 407 9.60 2.09 -2.84
N LEU B 408 9.92 3.14 -3.61
CA LEU B 408 9.90 3.06 -5.11
C LEU B 408 11.13 2.33 -5.64
N ARG B 409 12.28 2.53 -5.00
CA ARG B 409 13.60 1.99 -5.40
C ARG B 409 13.56 0.45 -5.51
N SER B 410 12.84 -0.19 -4.59
N SER B 410 12.84 -0.18 -4.59
CA SER B 410 12.76 -1.67 -4.47
CA SER B 410 12.74 -1.66 -4.43
C SER B 410 11.83 -2.26 -5.53
C SER B 410 11.81 -2.26 -5.51
N ILE B 411 11.08 -1.43 -6.26
CA ILE B 411 10.19 -1.90 -7.36
C ILE B 411 11.01 -2.04 -8.64
N PRO B 412 11.06 -3.24 -9.26
CA PRO B 412 11.77 -3.43 -10.52
C PRO B 412 11.23 -2.49 -11.61
N GLY B 413 12.14 -1.79 -12.28
CA GLY B 413 11.88 -1.01 -13.51
C GLY B 413 11.34 0.40 -13.28
N VAL B 414 11.18 0.83 -12.02
CA VAL B 414 10.70 2.20 -11.67
C VAL B 414 11.93 3.12 -11.61
N ARG B 415 12.08 3.99 -12.61
CA ARG B 415 13.15 5.01 -12.68
C ARG B 415 12.78 6.15 -11.72
N ILE B 416 13.75 6.76 -11.05
CA ILE B 416 13.47 7.86 -10.07
C ILE B 416 14.38 9.04 -10.35
N GLY B 417 13.77 10.22 -10.54
CA GLY B 417 14.48 11.48 -10.79
C GLY B 417 14.18 12.53 -9.74
N LEU B 418 15.18 13.33 -9.40
CA LEU B 418 15.12 14.52 -8.50
C LEU B 418 15.59 15.72 -9.32
N PRO B 419 14.67 16.54 -9.85
CA PRO B 419 15.08 17.74 -10.58
C PRO B 419 15.62 18.83 -9.63
N LYS B 420 16.70 19.49 -10.02
CA LYS B 420 17.29 20.64 -9.26
C LYS B 420 16.50 21.92 -9.54
N ASP B 421 15.92 22.06 -10.74
CA ASP B 421 15.18 23.28 -11.20
C ASP B 421 14.09 22.89 -12.22
N ALA B 422 13.34 23.88 -12.74
CA ALA B 422 12.18 23.66 -13.64
C ALA B 422 12.66 23.13 -15.00
N ALA B 423 13.86 23.50 -15.44
CA ALA B 423 14.49 23.02 -16.70
C ALA B 423 14.76 21.51 -16.61
N GLU B 424 15.34 21.04 -15.50
CA GLU B 424 15.55 19.60 -15.23
C GLU B 424 14.21 18.89 -15.07
N LEU B 425 13.20 19.53 -14.47
CA LEU B 425 11.83 18.94 -14.36
C LEU B 425 11.31 18.67 -15.76
N ARG B 426 11.46 19.66 -16.65
CA ARG B 426 11.02 19.57 -18.06
C ARG B 426 11.80 18.44 -18.74
N GLY B 427 13.12 18.40 -18.58
CA GLY B 427 13.99 17.36 -19.16
C GLY B 427 13.55 15.97 -18.74
N MET B 428 13.17 15.80 -17.47
CA MET B 428 12.77 14.47 -16.90
C MET B 428 11.38 14.09 -17.43
N LEU B 429 10.44 15.05 -17.42
CA LEU B 429 9.05 14.76 -17.88
C LEU B 429 9.11 14.36 -19.34
N LYS B 430 9.89 15.06 -20.16
CA LYS B 430 10.01 14.76 -21.61
C LYS B 430 10.61 13.37 -21.80
N TYR B 431 11.68 13.07 -21.08
CA TYR B 431 12.30 11.73 -21.11
C TYR B 431 11.25 10.68 -20.75
N ALA B 432 10.57 10.86 -19.61
CA ALA B 432 9.59 9.91 -19.04
C ALA B 432 8.51 9.63 -20.07
N GLN B 433 7.97 10.69 -20.69
CA GLN B 433 6.84 10.58 -21.65
C GLN B 433 7.29 10.01 -23.00
N THR B 434 8.59 9.89 -23.29
CA THR B 434 9.06 9.46 -24.63
C THR B 434 9.84 8.14 -24.56
N HIS B 435 9.92 7.47 -23.40
CA HIS B 435 10.68 6.21 -23.23
C HIS B 435 9.81 5.18 -22.50
N ASP B 436 10.09 3.88 -22.69
N ASP B 436 10.15 3.89 -22.66
CA ASP B 436 9.20 2.77 -22.25
CA ASP B 436 9.36 2.71 -22.22
C ASP B 436 9.26 2.64 -20.72
C ASP B 436 9.28 2.66 -20.67
N GLY B 437 8.14 2.23 -20.12
CA GLY B 437 8.05 1.82 -18.72
C GLY B 437 7.91 3.01 -17.77
N PRO B 438 7.78 2.74 -16.45
CA PRO B 438 7.44 3.77 -15.49
C PRO B 438 8.63 4.64 -15.05
N PHE B 439 8.34 5.91 -14.78
CA PHE B 439 9.28 6.94 -14.27
C PHE B 439 8.59 7.69 -13.15
N ALA B 440 9.36 8.00 -12.12
CA ALA B 440 8.94 8.81 -10.97
C ALA B 440 9.81 10.06 -10.96
N ILE B 441 9.18 11.23 -10.82
CA ILE B 441 9.86 12.55 -10.68
C ILE B 441 9.33 13.20 -9.38
N ARG B 442 10.21 13.45 -8.41
CA ARG B 442 9.80 13.93 -7.06
C ARG B 442 10.46 15.29 -6.78
N TYR B 443 9.64 16.21 -6.28
CA TYR B 443 10.00 17.61 -5.99
C TYR B 443 9.27 18.05 -4.73
N PRO B 444 9.85 18.98 -3.95
CA PRO B 444 9.29 19.38 -2.66
C PRO B 444 8.18 20.43 -2.79
N ARG B 445 7.43 20.63 -1.71
CA ARG B 445 6.73 21.91 -1.46
C ARG B 445 7.79 23.01 -1.40
N GLY B 446 7.61 24.11 -2.11
CA GLY B 446 8.63 25.16 -2.22
C GLY B 446 8.66 25.76 -3.60
N ASN B 447 9.61 26.66 -3.84
CA ASN B 447 9.64 27.49 -5.07
C ASN B 447 10.90 27.18 -5.86
N THR B 448 10.92 27.58 -7.13
CA THR B 448 12.04 27.45 -8.10
C THR B 448 11.88 28.54 -9.15
N ALA B 449 12.97 28.89 -9.86
CA ALA B 449 12.98 29.98 -10.86
C ALA B 449 12.02 29.61 -11.99
N GLN B 450 11.12 30.52 -12.34
CA GLN B 450 10.28 30.38 -13.55
C GLN B 450 11.23 30.22 -14.74
N VAL B 451 10.79 29.50 -15.76
CA VAL B 451 11.62 29.10 -16.91
C VAL B 451 10.84 29.45 -18.17
N PRO B 452 11.50 29.89 -19.27
CA PRO B 452 10.78 30.31 -20.47
C PRO B 452 10.02 29.18 -21.16
N ALA B 453 8.82 29.47 -21.66
CA ALA B 453 8.05 28.60 -22.58
C ALA B 453 8.99 28.01 -23.64
N GLY B 454 8.82 26.74 -23.97
CA GLY B 454 9.62 26.00 -24.96
C GLY B 454 10.90 25.43 -24.39
N THR B 455 11.14 25.53 -23.08
CA THR B 455 12.33 24.91 -22.41
C THR B 455 12.06 23.40 -22.26
N TRP B 456 12.73 22.60 -23.08
CA TRP B 456 12.66 21.12 -23.15
C TRP B 456 14.06 20.56 -23.41
N PRO B 457 14.98 20.59 -22.42
CA PRO B 457 16.30 20.00 -22.64
C PRO B 457 16.25 18.47 -22.87
N ASP B 458 17.23 17.99 -23.65
CA ASP B 458 17.59 16.56 -23.78
C ASP B 458 18.41 16.17 -22.55
N LEU B 459 17.84 15.31 -21.71
CA LEU B 459 18.45 14.84 -20.45
C LEU B 459 18.65 13.34 -20.62
N LYS B 460 19.88 12.83 -20.49
CA LYS B 460 20.09 11.37 -20.52
C LYS B 460 19.75 10.83 -19.13
N TRP B 461 18.69 10.04 -19.03
CA TRP B 461 18.22 9.48 -17.74
C TRP B 461 19.35 8.64 -17.11
N GLY B 462 19.63 8.86 -15.83
CA GLY B 462 20.66 8.12 -15.09
C GLY B 462 22.01 8.82 -15.07
N GLU B 463 22.15 9.93 -15.79
CA GLU B 463 23.42 10.70 -15.84
C GLU B 463 23.40 11.78 -14.76
N TRP B 464 24.43 11.79 -13.90
CA TRP B 464 24.61 12.84 -12.88
C TRP B 464 25.35 14.00 -13.53
N GLU B 465 25.48 15.11 -12.82
CA GLU B 465 26.26 16.28 -13.31
C GLU B 465 27.04 16.85 -12.13
N ARG B 466 28.35 17.04 -12.30
CA ARG B 466 29.22 17.73 -11.31
C ARG B 466 28.93 19.23 -11.41
N LEU B 467 28.58 19.86 -10.29
CA LEU B 467 28.29 21.31 -10.22
C LEU B 467 29.43 22.06 -9.53
N LYS B 468 30.29 21.39 -8.77
CA LYS B 468 31.40 22.07 -8.08
C LYS B 468 32.65 21.18 -8.07
N GLY B 469 33.81 21.75 -8.42
CA GLY B 469 35.12 21.07 -8.40
C GLY B 469 35.53 20.69 -6.99
N GLY B 470 36.26 19.58 -6.86
CA GLY B 470 36.83 19.07 -5.60
C GLY B 470 36.88 17.55 -5.62
N ASP B 471 37.99 16.97 -5.15
CA ASP B 471 38.26 15.50 -5.20
C ASP B 471 38.42 14.92 -3.79
N ASP B 472 38.75 15.74 -2.78
CA ASP B 472 39.06 15.26 -1.40
C ASP B 472 37.79 14.68 -0.76
N VAL B 473 36.73 15.49 -0.67
CA VAL B 473 35.37 15.07 -0.24
C VAL B 473 34.39 15.50 -1.32
N VAL B 474 33.48 14.61 -1.70
CA VAL B 474 32.45 14.89 -2.73
C VAL B 474 31.08 14.68 -2.10
N ILE B 475 30.20 15.68 -2.19
CA ILE B 475 28.80 15.63 -1.69
C ILE B 475 27.91 15.24 -2.88
N LEU B 476 27.14 14.16 -2.70
CA LEU B 476 26.14 13.63 -3.67
C LEU B 476 24.75 13.97 -3.12
N ALA B 477 23.98 14.76 -3.86
CA ALA B 477 22.68 15.26 -3.40
C ALA B 477 21.87 15.70 -4.62
N GLY B 478 20.55 15.51 -4.54
CA GLY B 478 19.60 16.04 -5.53
C GLY B 478 18.53 16.88 -4.85
N GLY B 479 17.83 17.70 -5.66
CA GLY B 479 16.66 18.49 -5.23
C GLY B 479 17.00 19.43 -4.10
N LYS B 480 16.12 19.55 -3.12
CA LYS B 480 16.32 20.43 -1.94
C LYS B 480 17.66 20.14 -1.26
N ALA B 481 18.08 18.87 -1.18
CA ALA B 481 19.33 18.46 -0.51
C ALA B 481 20.53 19.06 -1.24
N LEU B 482 20.44 19.21 -2.56
CA LEU B 482 21.54 19.72 -3.42
C LEU B 482 21.81 21.18 -3.08
N ASP B 483 20.75 21.99 -2.90
CA ASP B 483 20.89 23.43 -2.58
C ASP B 483 21.63 23.58 -1.25
N TYR B 484 21.30 22.75 -0.27
CA TYR B 484 22.03 22.64 1.02
C TYR B 484 23.52 22.32 0.78
N ALA B 485 23.82 21.36 -0.10
CA ALA B 485 25.19 20.89 -0.39
C ALA B 485 26.02 22.02 -1.00
N LEU B 486 25.49 22.71 -2.01
CA LEU B 486 26.16 23.85 -2.69
C LEU B 486 26.51 24.93 -1.66
N LYS B 487 25.55 25.29 -0.81
CA LYS B 487 25.74 26.27 0.29
C LYS B 487 26.86 25.78 1.22
N ALA B 488 26.83 24.52 1.64
CA ALA B 488 27.77 23.93 2.64
C ALA B 488 29.20 23.96 2.11
N ALA B 489 29.39 23.81 0.81
CA ALA B 489 30.71 23.63 0.16
C ALA B 489 31.35 24.97 -0.24
N GLU B 490 30.62 26.08 -0.11
CA GLU B 490 30.87 27.32 -0.92
C GLU B 490 32.35 27.76 -0.90
N ASP B 491 33.04 27.75 0.25
CA ASP B 491 34.39 28.36 0.37
C ASP B 491 35.47 27.28 0.48
N LEU B 492 35.15 26.03 0.17
CA LEU B 492 36.05 24.87 0.40
C LEU B 492 36.47 24.28 -0.94
N PRO B 493 37.69 24.59 -1.45
CA PRO B 493 38.08 24.20 -2.80
C PRO B 493 38.26 22.69 -3.01
N GLY B 494 38.52 21.93 -1.94
CA GLY B 494 38.71 20.48 -1.97
C GLY B 494 37.39 19.70 -1.96
N VAL B 495 36.27 20.41 -1.83
CA VAL B 495 34.93 19.81 -1.60
C VAL B 495 34.08 19.91 -2.89
N GLY B 496 33.95 18.78 -3.57
CA GLY B 496 33.13 18.64 -4.78
C GLY B 496 31.66 18.49 -4.45
N VAL B 497 30.80 18.87 -5.38
CA VAL B 497 29.33 18.68 -5.28
C VAL B 497 28.88 18.06 -6.60
N VAL B 498 28.16 16.94 -6.51
CA VAL B 498 27.50 16.28 -7.66
C VAL B 498 25.99 16.38 -7.46
N ASN B 499 25.30 16.84 -8.49
CA ASN B 499 23.83 16.73 -8.63
C ASN B 499 23.52 15.26 -8.94
N ALA B 500 23.23 14.48 -7.88
CA ALA B 500 22.70 13.11 -7.94
C ALA B 500 21.20 13.21 -8.23
N ARG B 501 20.87 13.56 -9.46
CA ARG B 501 19.50 13.89 -9.89
C ARG B 501 18.77 12.60 -10.30
N PHE B 502 19.47 11.46 -10.29
CA PHE B 502 18.88 10.12 -10.56
C PHE B 502 19.22 9.17 -9.41
N VAL B 503 18.18 8.65 -8.75
CA VAL B 503 18.30 7.66 -7.65
C VAL B 503 18.23 6.27 -8.28
N LYS B 504 17.39 6.05 -9.29
CA LYS B 504 17.33 4.75 -10.02
C LYS B 504 17.21 5.01 -11.53
N PRO B 505 18.19 4.56 -12.35
CA PRO B 505 19.47 4.03 -11.86
C PRO B 505 20.33 5.19 -11.37
N LEU B 506 21.38 4.88 -10.63
CA LEU B 506 22.47 5.82 -10.25
C LEU B 506 23.40 5.98 -11.45
N ASP B 507 24.21 7.03 -11.47
CA ASP B 507 25.33 7.17 -12.43
C ASP B 507 26.51 6.32 -11.94
N GLU B 508 26.59 5.04 -12.34
CA GLU B 508 27.59 4.07 -11.83
C GLU B 508 29.00 4.52 -12.25
N GLU B 509 29.17 5.03 -13.46
CA GLU B 509 30.47 5.56 -13.95
C GLU B 509 30.94 6.70 -13.04
N MET B 510 30.17 7.77 -12.90
CA MET B 510 30.60 8.90 -12.04
C MET B 510 30.78 8.43 -10.59
N LEU B 511 29.89 7.58 -10.07
CA LEU B 511 30.05 7.06 -8.69
C LEU B 511 31.34 6.26 -8.56
N ARG B 512 31.70 5.45 -9.56
CA ARG B 512 33.01 4.73 -9.60
C ARG B 512 34.18 5.73 -9.56
N GLU B 513 34.19 6.75 -10.43
CA GLU B 513 35.29 7.76 -10.51
C GLU B 513 35.43 8.51 -9.17
N VAL B 514 34.32 9.01 -8.65
CA VAL B 514 34.31 9.84 -7.40
C VAL B 514 34.62 8.94 -6.21
N GLY B 515 34.06 7.73 -6.18
CA GLY B 515 34.23 6.74 -5.11
C GLY B 515 35.66 6.22 -5.02
N GLY B 516 36.38 6.22 -6.14
CA GLY B 516 37.76 5.70 -6.24
C GLY B 516 38.79 6.74 -5.82
N ARG B 517 38.47 8.03 -5.85
CA ARG B 517 39.43 9.15 -5.60
C ARG B 517 39.14 9.83 -4.25
N ALA B 518 37.88 10.02 -3.90
CA ALA B 518 37.45 10.76 -2.69
C ALA B 518 38.02 10.09 -1.45
N ARG B 519 38.62 10.89 -0.57
CA ARG B 519 38.88 10.51 0.84
C ARG B 519 37.54 10.13 1.48
N ALA B 520 36.48 10.89 1.20
CA ALA B 520 35.13 10.63 1.73
C ALA B 520 34.05 11.13 0.78
N LEU B 521 32.91 10.45 0.77
CA LEU B 521 31.64 10.92 0.18
C LEU B 521 30.67 11.25 1.31
N ILE B 522 29.87 12.29 1.08
CA ILE B 522 28.64 12.61 1.87
C ILE B 522 27.47 12.46 0.91
N THR B 523 26.43 11.72 1.32
CA THR B 523 25.12 11.63 0.62
C THR B 523 24.13 12.45 1.45
N VAL B 524 23.31 13.27 0.78
CA VAL B 524 22.25 14.08 1.45
C VAL B 524 20.95 13.85 0.69
N GLU B 525 19.86 13.59 1.43
CA GLU B 525 18.54 13.25 0.85
C GLU B 525 17.43 13.76 1.79
N ASP B 526 16.41 14.37 1.21
CA ASP B 526 15.15 14.77 1.88
C ASP B 526 14.24 13.53 1.90
N ASN B 527 14.68 12.50 2.61
CA ASN B 527 14.11 11.14 2.63
C ASN B 527 14.68 10.44 3.87
N THR B 528 14.03 9.41 4.39
CA THR B 528 14.63 8.57 5.45
C THR B 528 16.00 8.05 4.97
N VAL B 529 16.96 7.96 5.89
CA VAL B 529 18.31 7.33 5.66
C VAL B 529 18.15 5.81 5.51
N VAL B 530 16.98 5.22 5.79
CA VAL B 530 16.80 3.74 5.71
C VAL B 530 16.36 3.36 4.30
N GLY B 531 17.23 2.66 3.56
CA GLY B 531 16.94 2.08 2.23
C GLY B 531 16.69 3.13 1.16
N GLY B 532 17.05 4.39 1.41
CA GLY B 532 16.85 5.51 0.47
C GLY B 532 18.03 5.72 -0.45
N PHE B 533 18.37 6.98 -0.76
CA PHE B 533 19.49 7.36 -1.67
C PHE B 533 20.85 6.95 -1.10
N GLY B 534 21.11 7.17 0.18
CA GLY B 534 22.34 6.68 0.85
C GLY B 534 22.49 5.17 0.72
N GLY B 535 21.43 4.41 0.97
CA GLY B 535 21.40 2.94 0.79
C GLY B 535 21.71 2.51 -0.64
N ALA B 536 21.10 3.16 -1.64
CA ALA B 536 21.35 2.92 -3.08
C ALA B 536 22.85 3.12 -3.37
N VAL B 537 23.44 4.17 -2.81
CA VAL B 537 24.89 4.52 -3.04
C VAL B 537 25.75 3.45 -2.37
N LEU B 538 25.39 3.01 -1.16
CA LEU B 538 26.23 2.02 -0.45
C LEU B 538 26.15 0.69 -1.19
N GLU B 539 24.99 0.35 -1.76
CA GLU B 539 24.76 -0.92 -2.50
C GLU B 539 25.59 -0.89 -3.79
N ALA B 540 25.65 0.26 -4.47
CA ALA B 540 26.38 0.42 -5.75
C ALA B 540 27.89 0.40 -5.48
N LEU B 541 28.36 1.07 -4.43
CA LEU B 541 29.78 1.02 -3.99
C LEU B 541 30.17 -0.42 -3.65
N ASN B 542 29.35 -1.11 -2.85
CA ASN B 542 29.56 -2.52 -2.48
C ASN B 542 29.77 -3.42 -3.71
N SER B 543 28.88 -3.35 -4.68
CA SER B 543 28.91 -4.21 -5.88
C SER B 543 30.10 -3.85 -6.80
N MET B 544 30.71 -2.67 -6.65
CA MET B 544 31.96 -2.24 -7.34
C MET B 544 33.18 -2.57 -6.46
N ASN B 545 32.96 -2.95 -5.19
CA ASN B 545 34.03 -3.28 -4.21
C ASN B 545 34.88 -2.03 -3.95
N LEU B 546 34.25 -0.85 -3.87
CA LEU B 546 34.84 0.44 -3.45
C LEU B 546 34.44 0.72 -1.99
N HIS B 547 35.40 1.12 -1.15
CA HIS B 547 35.24 1.22 0.32
C HIS B 547 35.67 2.59 0.82
N PRO B 548 35.21 3.70 0.19
CA PRO B 548 35.52 5.03 0.70
C PRO B 548 34.72 5.31 1.98
N THR B 549 35.21 6.20 2.85
CA THR B 549 34.41 6.73 3.98
C THR B 549 33.14 7.36 3.38
N VAL B 550 31.95 7.02 3.89
CA VAL B 550 30.67 7.65 3.45
C VAL B 550 29.89 8.11 4.67
N ARG B 551 29.45 9.37 4.68
CA ARG B 551 28.51 9.89 5.69
C ARG B 551 27.15 10.01 5.00
N VAL B 552 26.18 9.23 5.46
CA VAL B 552 24.78 9.24 4.96
C VAL B 552 23.99 10.22 5.81
N LEU B 553 23.59 11.33 5.21
CA LEU B 553 22.78 12.42 5.83
C LEU B 553 21.35 12.34 5.27
N GLY B 554 20.38 12.38 6.16
CA GLY B 554 18.96 12.40 5.78
C GLY B 554 18.07 12.47 6.99
N ILE B 555 16.81 12.14 6.80
CA ILE B 555 15.83 12.09 7.92
C ILE B 555 16.12 10.81 8.70
N PRO B 556 16.22 10.90 10.04
CA PRO B 556 16.36 9.71 10.86
C PRO B 556 15.13 8.78 10.73
N ASP B 557 15.29 7.54 11.19
CA ASP B 557 14.25 6.48 11.21
C ASP B 557 13.29 6.77 12.37
N GLU B 558 12.68 7.96 12.34
CA GLU B 558 11.82 8.53 13.39
C GLU B 558 10.78 9.41 12.69
N PHE B 559 9.52 9.36 13.11
CA PHE B 559 8.46 10.26 12.58
C PHE B 559 8.79 11.69 13.00
N GLN B 560 8.59 12.63 12.08
CA GLN B 560 8.88 14.07 12.25
C GLN B 560 7.55 14.81 12.49
N GLU B 561 7.41 15.38 13.67
CA GLU B 561 6.19 16.08 14.13
C GLU B 561 6.12 17.47 13.46
N HIS B 562 4.93 18.06 13.48
CA HIS B 562 4.64 19.41 12.91
C HIS B 562 5.70 20.44 13.35
N ALA B 563 6.37 21.04 12.36
CA ALA B 563 7.37 22.11 12.52
C ALA B 563 7.68 22.64 11.13
N THR B 564 8.46 23.71 10.99
CA THR B 564 8.95 24.17 9.67
C THR B 564 9.87 23.09 9.10
N ALA B 565 9.95 22.94 7.78
CA ALA B 565 10.95 22.06 7.16
C ALA B 565 12.34 22.45 7.67
N GLU B 566 12.61 23.75 7.81
CA GLU B 566 13.93 24.29 8.27
C GLU B 566 14.29 23.67 9.63
N SER B 567 13.36 23.67 10.59
CA SER B 567 13.55 23.06 11.93
C SER B 567 13.84 21.56 11.82
N VAL B 568 13.06 20.82 11.03
CA VAL B 568 13.25 19.34 10.89
C VAL B 568 14.64 19.10 10.28
N HIS B 569 14.97 19.88 9.26
CA HIS B 569 16.25 19.76 8.49
C HIS B 569 17.43 20.10 9.40
N ALA B 570 17.33 21.11 10.27
CA ALA B 570 18.44 21.48 11.19
C ALA B 570 18.64 20.36 12.21
N ARG B 571 17.57 19.87 12.83
CA ARG B 571 17.67 18.80 13.84
C ARG B 571 18.04 17.47 13.18
N ALA B 572 17.65 17.20 11.92
CA ALA B 572 18.02 15.96 11.19
C ALA B 572 19.50 16.00 10.80
N GLY B 573 20.04 17.20 10.59
CA GLY B 573 21.46 17.45 10.23
C GLY B 573 21.70 17.35 8.73
N ILE B 574 20.75 17.80 7.89
CA ILE B 574 20.93 17.82 6.40
C ILE B 574 21.06 19.26 5.88
N ASP B 575 20.82 20.29 6.69
CA ASP B 575 20.92 21.69 6.22
C ASP B 575 22.40 22.07 6.05
N ALA B 576 22.68 23.21 5.44
CA ALA B 576 24.04 23.65 5.05
C ALA B 576 24.96 23.69 6.28
N PRO B 577 24.59 24.33 7.41
CA PRO B 577 25.43 24.31 8.62
C PRO B 577 25.80 22.89 9.09
N ALA B 578 24.84 21.96 9.07
CA ALA B 578 25.03 20.56 9.52
C ALA B 578 25.97 19.82 8.56
N ILE B 579 25.88 20.08 7.25
CA ILE B 579 26.79 19.46 6.24
C ILE B 579 28.21 20.00 6.49
N ARG B 580 28.31 21.30 6.80
CA ARG B 580 29.60 22.01 7.08
C ARG B 580 30.28 21.42 8.33
N THR B 581 29.51 21.03 9.34
CA THR B 581 29.98 20.31 10.55
C THR B 581 30.53 18.94 10.16
N VAL B 582 29.87 18.21 9.26
CA VAL B 582 30.34 16.85 8.84
C VAL B 582 31.66 16.98 8.05
N LEU B 583 31.77 17.97 7.16
CA LEU B 583 33.02 18.22 6.38
C LEU B 583 34.21 18.40 7.34
N ALA B 584 34.07 19.25 8.37
CA ALA B 584 35.08 19.49 9.44
C ALA B 584 35.46 18.16 10.13
N GLU B 585 34.46 17.36 10.54
CA GLU B 585 34.63 16.03 11.18
C GLU B 585 35.42 15.08 10.26
N LEU B 586 35.32 15.26 8.93
CA LEU B 586 36.04 14.46 7.91
C LEU B 586 37.38 15.13 7.55
N GLY B 587 37.82 16.13 8.31
CA GLY B 587 39.19 16.67 8.24
C GLY B 587 39.33 17.75 7.18
N VAL B 588 38.23 18.30 6.68
CA VAL B 588 38.23 19.48 5.76
C VAL B 588 38.52 20.74 6.59
N ASP B 589 39.52 21.52 6.18
CA ASP B 589 39.92 22.80 6.83
C ASP B 589 38.92 23.89 6.45
N VAL B 590 37.98 24.21 7.33
CA VAL B 590 37.05 25.35 7.12
C VAL B 590 37.83 26.64 7.37
N PRO B 591 37.70 27.65 6.46
CA PRO B 591 38.27 28.97 6.71
C PRO B 591 37.81 29.57 8.05
N ILE B 592 38.74 30.26 8.72
CA ILE B 592 38.47 31.20 9.84
C ILE B 592 37.75 32.42 9.26
MG MG C . -16.89 -15.76 -5.09
CA CA D . -14.94 -14.40 -11.21
N1' TPP E . -5.68 -10.21 -1.67
C2' TPP E . -5.44 -9.82 -2.93
CM2 TPP E . -5.17 -8.38 -3.17
N3' TPP E . -5.42 -10.65 -3.98
C4' TPP E . -5.65 -11.96 -3.76
N4' TPP E . -5.61 -12.78 -4.83
C5' TPP E . -5.92 -12.45 -2.47
C6' TPP E . -5.91 -11.51 -1.45
C7' TPP E . -6.18 -13.92 -2.16
N3 TPP E . -7.33 -14.46 -2.87
C2 TPP E . -7.20 -15.11 -4.03
S1 TPP E . -8.71 -15.37 -4.78
C5 TPP E . -9.53 -14.83 -3.34
C4 TPP E . -8.65 -14.39 -2.41
CM4 TPP E . -8.99 -13.92 -1.02
C6 TPP E . -11.04 -14.92 -3.24
C7 TPP E . -11.73 -14.11 -4.31
O7 TPP E . -13.15 -14.41 -4.30
PA TPP E . -14.03 -14.11 -5.63
O1A TPP E . -13.46 -12.90 -6.31
O2A TPP E . -15.48 -14.15 -5.27
O3A TPP E . -13.68 -15.39 -6.52
PB TPP E . -13.94 -16.98 -6.31
O1B TPP E . -15.41 -17.14 -5.97
O2B TPP E . -13.56 -17.58 -7.64
O3B TPP E . -13.04 -17.40 -5.18
HM21 TPP E . -5.00 -8.23 -4.12
HM22 TPP E . -4.39 -8.11 -2.67
HM23 TPP E . -5.94 -7.86 -2.89
HN41 TPP E . -5.75 -13.64 -4.74
HN42 TPP E . -5.44 -12.45 -5.63
H6' TPP E . -6.07 -11.80 -0.57
H7'1 TPP E . -6.33 -14.02 -1.20
H7'2 TPP E . -5.38 -14.44 -2.43
H2 TPP E . -6.38 -15.40 -4.38
HM41 TPP E . -9.95 -13.96 -0.87
HM42 TPP E . -8.69 -12.99 -0.91
HM43 TPP E . -8.54 -14.47 -0.36
H61 TPP E . -11.32 -14.59 -2.36
H62 TPP E . -11.31 -15.86 -3.34
H71 TPP E . -11.36 -14.33 -5.17
H72 TPP E . -11.61 -13.16 -4.13
CA CA F . 3.64 -5.31 20.65
MG MG G . 11.55 -11.92 -15.21
MG MG H . -17.22 17.05 2.00
CA CA I . 22.63 19.52 -13.02
MG MG J . 9.21 12.11 16.38
MG MG K . -21.43 38.76 22.03
N1' TPP L . -5.51 11.39 0.22
C2' TPP L . -5.44 10.91 1.46
CM2 TPP L . -5.11 9.46 1.62
N3' TPP L . -5.63 11.63 2.58
C4' TPP L . -5.90 12.94 2.44
N4' TPP L . -6.07 13.65 3.58
C5' TPP L . -6.02 13.54 1.17
C6' TPP L . -5.80 12.70 0.09
C7' TPP L . -6.33 15.01 0.96
N3 TPP L . -7.62 15.41 1.57
C2 TPP L . -7.67 16.08 2.71
S1 TPP L . -9.28 16.59 3.07
C5 TPP L . -9.85 15.41 1.94
C4 TPP L . -8.88 15.17 1.01
CM4 TPP L . -9.09 14.68 -0.39
C6 TPP L . -11.21 14.79 2.12
C7 TPP L . -12.25 15.25 1.13
O7 TPP L . -13.30 16.02 1.80
PA TPP L . -14.33 15.36 2.86
O1A TPP L . -15.71 15.31 2.28
O2A TPP L . -13.87 14.11 3.54
O3A TPP L . -14.26 16.54 3.97
PB TPP L . -14.73 18.09 4.11
O1B TPP L . -15.44 18.15 5.47
O2B TPP L . -13.50 18.93 4.04
O3B TPP L . -15.66 18.37 2.93
HM21 TPP L . -5.08 9.24 2.57
HM22 TPP L . -4.25 9.28 1.21
HM23 TPP L . -5.79 8.93 1.18
HN41 TPP L . -6.25 14.51 3.54
HN42 TPP L . -5.99 13.25 4.36
H6' TPP L . -5.85 13.06 -0.77
H7'1 TPP L . -6.38 15.20 0.00
H7'2 TPP L . -5.63 15.55 1.38
H2 TPP L . -6.93 16.26 3.26
HM41 TPP L . -10.04 14.56 -0.56
HM42 TPP L . -8.63 13.83 -0.52
HM43 TPP L . -8.74 15.33 -1.02
H61 TPP L . -11.55 15.00 3.01
H62 TPP L . -11.14 13.81 2.02
H71 TPP L . -12.66 14.48 0.70
H72 TPP L . -11.84 15.81 0.45
CA CA M . 7.30 5.72 -20.27
CA CA N . -2.75 -3.91 -7.27
CA CA O . 42.41 6.24 -5.26
#